data_6UNP
#
_entry.id   6UNP
#
_cell.length_a   138.497
_cell.length_b   138.497
_cell.length_c   109.992
_cell.angle_alpha   90.000
_cell.angle_beta   90.000
_cell.angle_gamma   120.000
#
_symmetry.space_group_name_H-M   'P 32 2 1'
#
loop_
_entity.id
_entity.type
_entity.pdbx_description
1 polymer 'Bone morphogenetic protein receptor type-2'
2 non-polymer "ADENOSINE-5'-DIPHOSPHATE"
3 non-polymer 'MAGNESIUM ION'
4 non-polymer 'SULFATE ION'
5 non-polymer 1,2-ETHANEDIOL
6 water water
#
_entity_poly.entity_id   1
_entity_poly.type   'polypeptide(L)'
_entity_poly.pdbx_seq_one_letter_code
;MGSSHHHHHHSSGENLYFQGHMMEAAASEPSLDLDNLKLLELIGRGRYGAVYKGSLDERPVAVKVFSFANRQNFINEKNI
YRVPLMEHDNIARFIVGDERVTADGRMEYLLVMEYYPNGSL(CAS)KYLSLHTSDWVSSCRLAHSVTRGLAYLHTELPRG
DHYKPAISHRDLNSRNVLVKNDGTCVISDFGLSMRLTGNRLVRPGEEDNAAISEVGTIRYMAPEVLEGAVNLRD(CAS)E
SALKQVDMYALGLIYWEIFMRCTDLFPGESVPEYQMAFQTEVGNHPTFEDMQVLVSREKQRPKFPEAWKENSLAVRSLKE
TIEDCWGQDAEARLTAQ(CAS)AEERMAELMMIWERNKSVSPTVNPMSTAMQNER
;
_entity_poly.pdbx_strand_id   A,B
#
loop_
_chem_comp.id
_chem_comp.type
_chem_comp.name
_chem_comp.formula
ADP non-polymer ADENOSINE-5'-DIPHOSPHATE 'C10 H15 N5 O10 P2'
EDO non-polymer 1,2-ETHANEDIOL 'C2 H6 O2'
MG non-polymer 'MAGNESIUM ION' 'Mg 2'
SO4 non-polymer 'SULFATE ION' 'O4 S -2'
#
# COMPACT_ATOMS: atom_id res chain seq x y z
N ASP A 33 -27.11 19.98 -1.87
CA ASP A 33 -26.30 18.81 -2.22
C ASP A 33 -25.40 18.39 -1.06
N LEU A 34 -24.42 19.25 -0.72
CA LEU A 34 -23.26 18.84 0.08
C LEU A 34 -23.48 18.94 1.58
N ASP A 35 -24.66 19.35 2.04
CA ASP A 35 -24.96 19.18 3.46
C ASP A 35 -25.07 17.72 3.84
N ASN A 36 -25.38 16.84 2.88
CA ASN A 36 -25.53 15.41 3.09
C ASN A 36 -24.27 14.63 2.79
N LEU A 37 -23.10 15.28 2.76
CA LEU A 37 -21.85 14.61 2.50
C LEU A 37 -21.28 14.05 3.79
N LYS A 38 -20.97 12.75 3.79
CA LYS A 38 -20.33 12.08 4.92
C LYS A 38 -18.97 11.57 4.50
N LEU A 39 -17.95 11.82 5.32
CA LEU A 39 -16.63 11.25 5.11
C LEU A 39 -16.45 9.98 5.94
N LEU A 40 -15.87 8.95 5.32
CA LEU A 40 -15.58 7.71 6.01
C LEU A 40 -14.07 7.53 6.11
N GLU A 41 -13.54 6.35 5.82
CA GLU A 41 -12.13 6.13 6.10
C GLU A 41 -11.24 6.80 5.05
N LEU A 42 -10.05 7.18 5.49
CA LEU A 42 -9.02 7.67 4.58
C LEU A 42 -8.52 6.54 3.70
N ILE A 43 -8.47 6.76 2.39
CA ILE A 43 -8.01 5.74 1.46
C ILE A 43 -6.75 6.13 0.71
N GLY A 44 -6.29 7.37 0.78
CA GLY A 44 -5.08 7.70 0.07
C GLY A 44 -4.66 9.11 0.38
N ARG A 45 -3.40 9.41 0.04
CA ARG A 45 -2.95 10.78 0.18
C ARG A 45 -1.69 10.99 -0.65
N GLY A 46 -1.46 12.24 -1.03
CA GLY A 46 -0.23 12.60 -1.72
C GLY A 46 0.25 13.94 -1.22
N ARG A 47 0.97 14.70 -2.05
CA ARG A 47 1.51 15.98 -1.61
C ARG A 47 0.42 17.04 -1.49
N TYR A 48 -0.73 16.88 -2.14
CA TYR A 48 -1.69 17.96 -2.14
C TYR A 48 -3.00 17.65 -1.46
N GLY A 49 -3.47 16.41 -1.51
CA GLY A 49 -4.78 16.08 -0.96
C GLY A 49 -4.78 14.82 -0.11
N ALA A 50 -5.69 14.79 0.85
CA ALA A 50 -6.04 13.57 1.57
C ALA A 50 -7.36 13.06 1.02
N VAL A 51 -7.40 11.79 0.62
CA VAL A 51 -8.54 11.27 -0.12
C VAL A 51 -9.29 10.29 0.76
N TYR A 52 -10.59 10.55 0.94
CA TYR A 52 -11.46 9.74 1.76
C TYR A 52 -12.50 9.04 0.91
N LYS A 53 -12.87 7.84 1.33
CA LYS A 53 -14.13 7.28 0.89
C LYS A 53 -15.26 8.06 1.50
N GLY A 54 -16.36 8.21 0.75
CA GLY A 54 -17.42 9.05 1.27
C GLY A 54 -18.79 8.63 0.81
N SER A 55 -19.76 9.39 1.28
CA SER A 55 -21.15 9.18 0.96
C SER A 55 -21.78 10.53 0.65
N LEU A 56 -22.47 10.60 -0.48
CA LEU A 56 -23.17 11.81 -0.88
C LEU A 56 -24.55 11.39 -1.35
N ASP A 57 -25.59 11.85 -0.64
CA ASP A 57 -26.95 11.44 -0.94
C ASP A 57 -27.06 9.92 -0.96
N GLU A 58 -26.39 9.27 -0.01
CA GLU A 58 -26.39 7.84 0.20
C GLU A 58 -25.75 7.05 -0.95
N ARG A 59 -25.06 7.73 -1.87
CA ARG A 59 -24.30 7.05 -2.91
C ARG A 59 -22.80 7.22 -2.65
N PRO A 60 -21.99 6.20 -2.95
CA PRO A 60 -20.55 6.28 -2.61
C PRO A 60 -19.81 7.26 -3.52
N VAL A 61 -18.84 7.98 -2.92
CA VAL A 61 -17.98 8.90 -3.63
C VAL A 61 -16.60 8.84 -2.97
N ALA A 62 -15.61 9.42 -3.64
CA ALA A 62 -14.33 9.74 -3.05
C ALA A 62 -14.24 11.25 -2.90
N VAL A 63 -13.61 11.68 -1.82
CA VAL A 63 -13.52 13.09 -1.46
C VAL A 63 -12.05 13.42 -1.22
N LYS A 64 -11.49 14.29 -2.05
CA LYS A 64 -10.12 14.72 -1.93
C LYS A 64 -10.14 16.04 -1.20
N VAL A 65 -9.50 16.09 -0.03
CA VAL A 65 -9.54 17.24 0.86
C VAL A 65 -8.20 17.95 0.79
N PHE A 66 -8.25 19.26 0.51
CA PHE A 66 -7.07 20.12 0.43
C PHE A 66 -7.10 21.09 1.60
N SER A 67 -5.94 21.38 2.19
CA SER A 67 -5.81 22.48 3.11
C SER A 67 -5.74 23.79 2.34
N PHE A 68 -5.82 24.90 3.07
CA PHE A 68 -5.67 26.21 2.44
C PHE A 68 -4.31 26.36 1.75
N ALA A 69 -3.26 25.76 2.31
CA ALA A 69 -1.93 25.86 1.71
C ALA A 69 -1.90 25.31 0.29
N ASN A 70 -2.73 24.31 0.00
CA ASN A 70 -2.78 23.65 -1.29
C ASN A 70 -4.00 24.08 -2.11
N ARG A 71 -4.56 25.25 -1.77
CA ARG A 71 -5.74 25.76 -2.46
C ARG A 71 -5.52 25.88 -3.95
N GLN A 72 -4.33 26.31 -4.37
CA GLN A 72 -4.08 26.53 -5.78
C GLN A 72 -4.14 25.22 -6.58
N ASN A 73 -3.72 24.10 -5.97
CA ASN A 73 -3.82 22.82 -6.65
C ASN A 73 -5.28 22.39 -6.76
N PHE A 74 -6.07 22.69 -5.74
CA PHE A 74 -7.51 22.45 -5.82
C PHE A 74 -8.11 23.27 -6.96
N ILE A 75 -7.84 24.58 -6.99
CA ILE A 75 -8.35 25.44 -8.04
C ILE A 75 -7.96 24.88 -9.40
N ASN A 76 -6.68 24.56 -9.56
CA ASN A 76 -6.20 24.06 -10.85
C ASN A 76 -6.94 22.79 -11.23
N GLU A 77 -7.03 21.84 -10.31
CA GLU A 77 -7.59 20.53 -10.61
C GLU A 77 -9.07 20.63 -10.94
N LYS A 78 -9.82 21.37 -10.13
CA LYS A 78 -11.24 21.59 -10.40
C LYS A 78 -11.47 22.20 -11.78
N ASN A 79 -10.65 23.20 -12.15
CA ASN A 79 -10.86 23.86 -13.44
C ASN A 79 -10.45 22.98 -14.62
N ILE A 80 -9.45 22.11 -14.45
CA ILE A 80 -9.13 21.16 -15.51
C ILE A 80 -10.30 20.20 -15.70
N TYR A 81 -10.87 19.73 -14.58
CA TYR A 81 -12.01 18.81 -14.67
C TYR A 81 -13.22 19.48 -15.30
N ARG A 82 -13.36 20.80 -15.19
CA ARG A 82 -14.52 21.49 -15.73
C ARG A 82 -14.29 22.08 -17.12
N VAL A 83 -13.11 21.88 -17.69
CA VAL A 83 -12.87 22.15 -19.10
C VAL A 83 -13.88 21.37 -19.94
N PRO A 84 -14.52 21.99 -20.92
CA PRO A 84 -15.51 21.26 -21.73
C PRO A 84 -14.92 19.98 -22.31
N LEU A 85 -15.76 18.94 -22.39
CA LEU A 85 -15.44 17.68 -23.06
C LEU A 85 -14.38 16.89 -22.31
N MET A 86 -14.24 17.12 -21.01
CA MET A 86 -13.30 16.35 -20.22
C MET A 86 -13.88 15.01 -19.77
N GLU A 87 -15.17 14.78 -19.96
CA GLU A 87 -15.72 13.48 -19.64
C GLU A 87 -15.30 12.49 -20.71
N HIS A 88 -14.74 11.37 -20.27
CA HIS A 88 -14.12 10.43 -21.18
C HIS A 88 -13.94 9.13 -20.39
N ASP A 89 -14.00 8.01 -21.11
CA ASP A 89 -13.91 6.72 -20.42
C ASP A 89 -12.61 6.53 -19.66
N ASN A 90 -11.54 7.23 -20.04
CA ASN A 90 -10.25 7.01 -19.39
C ASN A 90 -9.77 8.24 -18.65
N ILE A 91 -10.72 9.09 -18.25
CA ILE A 91 -10.48 10.23 -17.36
C ILE A 91 -11.36 10.04 -16.14
N ALA A 92 -10.78 10.18 -14.94
CA ALA A 92 -11.55 10.05 -13.72
C ALA A 92 -12.76 10.97 -13.74
N ARG A 93 -13.85 10.51 -13.14
CA ARG A 93 -15.11 11.24 -13.18
C ARG A 93 -15.24 12.17 -11.97
N PHE A 94 -15.30 13.46 -12.25
CA PHE A 94 -15.47 14.51 -11.25
C PHE A 94 -16.96 14.78 -11.05
N ILE A 95 -17.36 15.05 -9.83
CA ILE A 95 -18.76 15.32 -9.50
C ILE A 95 -18.99 16.78 -9.14
N VAL A 96 -18.30 17.28 -8.10
CA VAL A 96 -18.47 18.64 -7.63
C VAL A 96 -17.33 19.03 -6.70
N GLY A 97 -17.02 20.33 -6.64
CA GLY A 97 -16.04 20.87 -5.71
C GLY A 97 -16.70 21.82 -4.74
N ASP A 98 -16.07 22.12 -3.61
CA ASP A 98 -16.74 22.94 -2.60
C ASP A 98 -15.73 23.35 -1.53
N GLU A 99 -16.07 24.40 -0.79
CA GLU A 99 -15.30 24.90 0.34
C GLU A 99 -16.12 24.83 1.61
N ARG A 100 -15.44 24.68 2.73
CA ARG A 100 -16.10 24.74 4.02
C ARG A 100 -15.08 25.22 5.05
N VAL A 101 -15.61 25.75 6.15
CA VAL A 101 -14.79 26.12 7.31
C VAL A 101 -14.91 25.02 8.35
N THR A 102 -13.76 24.52 8.81
CA THR A 102 -13.76 23.44 9.80
C THR A 102 -14.12 23.96 11.19
N ALA A 103 -14.39 23.02 12.08
CA ALA A 103 -14.70 23.35 13.46
C ALA A 103 -13.58 24.17 14.11
N ASP A 104 -12.33 23.80 13.85
CA ASP A 104 -11.18 24.46 14.46
C ASP A 104 -10.76 25.75 13.74
N GLY A 105 -11.59 26.29 12.85
CA GLY A 105 -11.31 27.58 12.24
C GLY A 105 -10.37 27.55 11.05
N ARG A 106 -10.36 26.46 10.28
CA ARG A 106 -9.50 26.33 9.11
C ARG A 106 -10.34 26.21 7.84
N MET A 107 -9.81 26.72 6.73
CA MET A 107 -10.41 26.51 5.42
C MET A 107 -10.03 25.14 4.88
N GLU A 108 -11.03 24.43 4.33
CA GLU A 108 -10.82 23.16 3.64
C GLU A 108 -11.51 23.22 2.28
N TYR A 109 -10.90 22.62 1.27
CA TYR A 109 -11.45 22.55 -0.08
C TYR A 109 -11.66 21.09 -0.45
N LEU A 110 -12.86 20.78 -0.94
CA LEU A 110 -13.26 19.38 -1.18
C LEU A 110 -13.52 19.16 -2.66
N LEU A 111 -12.88 18.15 -3.21
CA LEU A 111 -13.11 17.75 -4.60
C LEU A 111 -13.78 16.38 -4.53
N VAL A 112 -15.08 16.34 -4.85
CA VAL A 112 -15.85 15.10 -4.78
C VAL A 112 -15.81 14.45 -6.15
N MET A 113 -15.53 13.16 -6.18
CA MET A 113 -15.42 12.45 -7.45
C MET A 113 -15.91 11.02 -7.29
N GLU A 114 -15.97 10.29 -8.41
CA GLU A 114 -16.34 8.89 -8.36
C GLU A 114 -15.33 8.11 -7.52
N TYR A 115 -15.84 7.12 -6.77
CA TYR A 115 -15.01 6.27 -5.92
C TYR A 115 -14.55 5.04 -6.70
N TYR A 116 -13.22 4.83 -6.78
CA TYR A 116 -12.70 3.63 -7.47
C TYR A 116 -12.17 2.63 -6.45
N PRO A 117 -12.94 1.58 -6.12
CA PRO A 117 -12.51 0.64 -5.07
C PRO A 117 -11.13 0.03 -5.29
N ASN A 118 -10.71 -0.19 -6.54
CA ASN A 118 -9.36 -0.73 -6.77
C ASN A 118 -8.26 0.29 -6.47
N GLY A 119 -8.57 1.59 -6.37
CA GLY A 119 -7.48 2.53 -6.07
C GLY A 119 -6.57 2.79 -7.27
N SER A 120 -5.34 3.19 -6.96
CA SER A 120 -4.38 3.56 -7.98
C SER A 120 -3.89 2.34 -8.74
N LEU A 121 -3.35 2.59 -9.93
CA LEU A 121 -2.71 1.52 -10.70
C LEU A 121 -1.57 0.89 -9.87
N CAS A 122 -0.82 1.74 -9.17
CA CAS A 122 0.25 1.32 -8.29
CB CAS A 122 0.81 2.57 -7.59
C CAS A 122 -0.24 0.27 -7.29
O CAS A 122 0.28 -0.87 -7.24
SG CAS A 122 2.17 2.19 -6.46
AS CAS A 122 1.13 1.83 -4.47
N LYS A 123 -1.26 0.60 -6.54
CA LYS A 123 -1.86 -0.36 -5.63
C LYS A 123 -2.39 -1.60 -6.36
N TYR A 124 -3.06 -1.39 -7.48
CA TYR A 124 -3.65 -2.52 -8.23
C TYR A 124 -2.57 -3.47 -8.70
N LEU A 125 -1.49 -2.93 -9.26
CA LEU A 125 -0.39 -3.79 -9.69
C LEU A 125 0.29 -4.49 -8.52
N SER A 126 0.31 -3.86 -7.34
CA SER A 126 0.96 -4.54 -6.22
C SER A 126 0.13 -5.73 -5.76
N LEU A 127 -1.18 -5.71 -6.03
CA LEU A 127 -2.07 -6.79 -5.63
C LEU A 127 -2.38 -7.79 -6.75
N HIS A 128 -2.29 -7.41 -8.04
CA HIS A 128 -2.72 -8.30 -9.11
C HIS A 128 -1.63 -8.57 -10.12
N THR A 129 -1.59 -9.80 -10.61
CA THR A 129 -0.93 -10.11 -11.87
C THR A 129 -2.00 -10.43 -12.90
N SER A 130 -1.70 -10.14 -14.17
CA SER A 130 -2.65 -10.25 -15.26
C SER A 130 -2.01 -10.92 -16.46
N ASP A 131 -2.82 -11.55 -17.31
CA ASP A 131 -2.22 -12.12 -18.52
C ASP A 131 -2.03 -11.02 -19.57
N TRP A 132 -1.56 -11.46 -20.74
CA TRP A 132 -1.23 -10.56 -21.83
C TRP A 132 -2.39 -9.63 -22.17
N VAL A 133 -3.58 -10.20 -22.44
CA VAL A 133 -4.72 -9.40 -22.86
C VAL A 133 -5.09 -8.38 -21.78
N SER A 134 -5.20 -8.83 -20.53
CA SER A 134 -5.63 -7.88 -19.50
C SER A 134 -4.51 -6.88 -19.14
N SER A 135 -3.24 -7.28 -19.30
CA SER A 135 -2.17 -6.29 -19.12
C SER A 135 -2.21 -5.24 -20.22
N CYS A 136 -2.43 -5.66 -21.47
CA CYS A 136 -2.58 -4.70 -22.55
C CYS A 136 -3.78 -3.79 -22.33
N ARG A 137 -4.85 -4.34 -21.76
CA ARG A 137 -6.02 -3.55 -21.46
C ARG A 137 -5.68 -2.41 -20.49
N LEU A 138 -4.90 -2.69 -19.45
CA LEU A 138 -4.46 -1.61 -18.56
C LEU A 138 -3.62 -0.60 -19.33
N ALA A 139 -2.65 -1.08 -20.13
CA ALA A 139 -1.69 -0.17 -20.76
C ALA A 139 -2.36 0.66 -21.86
N HIS A 140 -3.24 0.04 -22.64
CA HIS A 140 -3.93 0.74 -23.71
C HIS A 140 -4.90 1.77 -23.15
N SER A 141 -5.63 1.44 -22.08
CA SER A 141 -6.60 2.39 -21.57
C SER A 141 -5.93 3.62 -20.97
N VAL A 142 -4.80 3.45 -20.27
CA VAL A 142 -4.11 4.65 -19.78
C VAL A 142 -3.56 5.47 -20.95
N THR A 143 -3.04 4.79 -21.98
CA THR A 143 -2.52 5.52 -23.14
C THR A 143 -3.64 6.27 -23.85
N ARG A 144 -4.80 5.62 -24.00
CA ARG A 144 -5.92 6.28 -24.65
C ARG A 144 -6.33 7.55 -23.89
N GLY A 145 -6.35 7.49 -22.55
CA GLY A 145 -6.67 8.67 -21.79
C GLY A 145 -5.64 9.77 -21.95
N LEU A 146 -4.36 9.41 -22.03
CA LEU A 146 -3.33 10.45 -22.20
C LEU A 146 -3.42 11.08 -23.58
N ALA A 147 -3.65 10.26 -24.63
CA ALA A 147 -3.79 10.81 -25.97
C ALA A 147 -4.96 11.79 -26.03
N TYR A 148 -6.06 11.45 -25.38
CA TYR A 148 -7.19 12.37 -25.36
C TYR A 148 -6.85 13.65 -24.58
N LEU A 149 -6.18 13.51 -23.43
CA LEU A 149 -5.78 14.70 -22.69
C LEU A 149 -4.91 15.63 -23.55
N HIS A 150 -3.97 15.05 -24.31
CA HIS A 150 -3.01 15.76 -25.14
C HIS A 150 -3.62 16.40 -26.38
N THR A 151 -4.87 16.10 -26.72
CA THR A 151 -5.42 16.50 -28.01
C THR A 151 -6.29 17.74 -27.89
N GLU A 152 -5.95 18.76 -28.68
CA GLU A 152 -6.78 19.96 -28.77
C GLU A 152 -8.03 19.71 -29.62
N LEU A 153 -9.18 20.21 -29.16
CA LEU A 153 -10.46 20.06 -29.85
C LEU A 153 -11.01 21.46 -30.03
N PRO A 154 -10.78 22.10 -31.19
CA PRO A 154 -11.34 23.45 -31.40
C PRO A 154 -12.86 23.37 -31.48
N ARG A 155 -13.53 24.02 -30.51
CA ARG A 155 -14.98 23.93 -30.47
C ARG A 155 -15.66 25.16 -29.88
N GLY A 156 -14.97 26.31 -29.80
CA GLY A 156 -15.63 27.54 -29.41
C GLY A 156 -16.17 27.56 -27.99
N ASP A 157 -17.48 27.32 -27.92
CA ASP A 157 -18.23 27.17 -26.67
C ASP A 157 -17.72 25.98 -25.85
N HIS A 158 -17.12 25.00 -26.52
CA HIS A 158 -16.69 23.75 -25.92
C HIS A 158 -15.23 23.50 -26.21
N TYR A 159 -14.44 24.57 -26.34
CA TYR A 159 -13.04 24.41 -26.67
C TYR A 159 -12.38 23.56 -25.59
N LYS A 160 -11.64 22.55 -26.01
CA LYS A 160 -10.79 21.78 -25.10
C LYS A 160 -9.35 21.97 -25.54
N PRO A 161 -8.50 22.63 -24.77
CA PRO A 161 -7.09 22.74 -25.14
C PRO A 161 -6.38 21.40 -25.01
N ALA A 162 -5.26 21.27 -25.71
CA ALA A 162 -4.33 20.23 -25.33
C ALA A 162 -3.86 20.52 -23.91
N ILE A 163 -3.77 19.47 -23.09
CA ILE A 163 -3.43 19.61 -21.68
C ILE A 163 -2.31 18.63 -21.37
N SER A 164 -1.28 19.12 -20.70
CA SER A 164 -0.21 18.28 -20.19
C SER A 164 -0.50 17.86 -18.76
N HIS A 165 -0.29 16.58 -18.43
CA HIS A 165 -0.62 16.13 -17.08
C HIS A 165 0.38 16.65 -16.06
N ARG A 166 1.68 16.50 -16.34
CA ARG A 166 2.85 17.03 -15.64
C ARG A 166 3.25 16.22 -14.41
N ASP A 167 2.46 15.23 -13.96
CA ASP A 167 2.95 14.31 -12.94
C ASP A 167 2.39 12.91 -13.22
N LEU A 168 2.55 12.46 -14.45
CA LEU A 168 1.99 11.19 -14.83
C LEU A 168 2.79 10.08 -14.17
N ASN A 169 2.10 9.24 -13.40
CA ASN A 169 2.71 8.03 -12.86
C ASN A 169 1.57 7.15 -12.38
N SER A 170 1.93 5.94 -11.95
CA SER A 170 0.90 4.96 -11.64
C SER A 170 0.17 5.25 -10.32
N ARG A 171 0.60 6.24 -9.54
CA ARG A 171 -0.21 6.66 -8.40
C ARG A 171 -1.24 7.71 -8.80
N ASN A 172 -1.10 8.28 -10.00
CA ASN A 172 -2.05 9.24 -10.54
C ASN A 172 -2.82 8.62 -11.71
N VAL A 173 -3.00 7.32 -11.65
CA VAL A 173 -3.90 6.57 -12.51
C VAL A 173 -4.73 5.69 -11.58
N LEU A 174 -6.04 5.60 -11.84
CA LEU A 174 -6.92 4.76 -11.03
C LEU A 174 -7.49 3.66 -11.89
N VAL A 175 -7.87 2.56 -11.25
CA VAL A 175 -8.29 1.36 -11.98
C VAL A 175 -9.76 1.09 -11.69
N LYS A 176 -10.55 1.07 -12.74
CA LYS A 176 -11.97 0.78 -12.68
C LYS A 176 -12.22 -0.69 -12.36
N ASN A 177 -13.44 -0.99 -11.91
CA ASN A 177 -13.82 -2.37 -11.61
C ASN A 177 -13.74 -3.28 -12.83
N ASP A 178 -13.88 -2.74 -14.05
CA ASP A 178 -13.77 -3.60 -15.22
C ASP A 178 -12.32 -3.79 -15.68
N GLY A 179 -11.34 -3.32 -14.92
CA GLY A 179 -9.96 -3.55 -15.28
C GLY A 179 -9.36 -2.58 -16.28
N THR A 180 -10.01 -1.44 -16.55
CA THR A 180 -9.45 -0.38 -17.37
C THR A 180 -9.06 0.82 -16.49
N CYS A 181 -8.18 1.67 -17.01
CA CYS A 181 -7.62 2.77 -16.25
C CYS A 181 -8.33 4.08 -16.54
N VAL A 182 -8.22 5.01 -15.57
CA VAL A 182 -8.57 6.41 -15.77
C VAL A 182 -7.44 7.27 -15.24
N ILE A 183 -7.19 8.39 -15.92
CA ILE A 183 -6.18 9.33 -15.46
C ILE A 183 -6.80 10.20 -14.38
N SER A 184 -6.01 10.52 -13.36
CA SER A 184 -6.51 11.30 -12.25
C SER A 184 -5.43 12.28 -11.82
N ASP A 185 -5.75 13.11 -10.83
CA ASP A 185 -4.84 14.06 -10.18
C ASP A 185 -4.32 15.13 -11.15
N PHE A 186 -5.16 16.09 -11.48
CA PHE A 186 -4.79 17.19 -12.36
C PHE A 186 -4.34 18.43 -11.59
N GLY A 187 -3.82 18.24 -10.38
CA GLY A 187 -3.38 19.37 -9.55
C GLY A 187 -2.24 20.17 -10.13
N LEU A 188 -1.47 19.61 -11.06
CA LEU A 188 -0.35 20.31 -11.68
C LEU A 188 -0.51 20.48 -13.19
N SER A 189 -1.62 20.05 -13.78
CA SER A 189 -1.75 20.02 -15.23
C SER A 189 -1.87 21.42 -15.82
N MET A 190 -1.38 21.57 -17.05
CA MET A 190 -1.33 22.88 -17.69
C MET A 190 -1.93 22.82 -19.08
N ARG A 191 -2.68 23.86 -19.42
CA ARG A 191 -3.20 24.01 -20.77
C ARG A 191 -2.04 24.34 -21.70
N LEU A 192 -2.09 23.82 -22.93
CA LEU A 192 -0.97 24.01 -23.84
C LEU A 192 -1.33 24.75 -25.12
N THR A 193 -2.61 24.92 -25.44
CA THR A 193 -3.03 25.58 -26.67
C THR A 193 -4.09 26.61 -26.35
N GLY A 194 -4.37 27.46 -27.33
CA GLY A 194 -5.43 28.45 -27.20
C GLY A 194 -4.94 29.75 -26.57
N ASN A 195 -5.89 30.48 -25.98
CA ASN A 195 -5.65 31.81 -25.44
C ASN A 195 -5.37 31.81 -23.94
N ARG A 196 -4.92 32.96 -23.44
CA ARG A 196 -4.60 33.19 -22.03
C ARG A 196 -3.71 32.08 -21.44
N LEU A 197 -2.68 31.69 -22.17
CA LEU A 197 -1.71 30.73 -21.67
C LEU A 197 -0.60 31.38 -20.84
N VAL A 198 0.02 30.54 -20.02
CA VAL A 198 1.19 30.89 -19.23
C VAL A 198 2.33 29.94 -19.60
N ARG A 199 3.54 30.30 -19.19
CA ARG A 199 4.70 29.45 -19.34
C ARG A 199 5.23 29.10 -17.96
N PRO A 200 5.56 27.81 -17.69
CA PRO A 200 5.95 27.44 -16.31
C PRO A 200 7.32 27.98 -15.89
N GLU A 210 10.64 21.63 -12.62
CA GLU A 210 10.93 20.54 -11.69
C GLU A 210 9.96 20.52 -10.51
N VAL A 211 8.75 20.00 -10.72
CA VAL A 211 7.71 20.03 -9.69
C VAL A 211 7.01 18.68 -9.56
N GLY A 212 7.26 17.77 -10.51
CA GLY A 212 6.64 16.45 -10.50
C GLY A 212 7.12 15.49 -9.41
N THR A 213 6.92 14.20 -9.62
CA THR A 213 7.49 13.17 -8.76
C THR A 213 8.84 12.75 -9.33
N ILE A 214 9.87 12.78 -8.47
CA ILE A 214 11.26 12.77 -8.92
C ILE A 214 11.59 11.50 -9.68
N ARG A 215 11.15 10.35 -9.14
CA ARG A 215 11.39 9.05 -9.78
C ARG A 215 10.99 9.02 -11.26
N TYR A 216 9.94 9.77 -11.65
CA TYR A 216 9.39 9.74 -13.00
C TYR A 216 9.78 10.93 -13.87
N MET A 217 10.75 11.73 -13.44
CA MET A 217 11.16 12.89 -14.24
C MET A 217 12.03 12.48 -15.42
N ALA A 218 11.73 13.05 -16.59
CA ALA A 218 12.50 12.78 -17.78
C ALA A 218 13.90 13.40 -17.67
N PRO A 219 14.86 12.95 -18.48
CA PRO A 219 16.23 13.48 -18.35
C PRO A 219 16.33 14.99 -18.55
N GLU A 220 15.65 15.55 -19.56
CA GLU A 220 15.73 16.99 -19.78
C GLU A 220 15.15 17.77 -18.60
N VAL A 221 14.21 17.18 -17.87
CA VAL A 221 13.72 17.83 -16.66
C VAL A 221 14.78 17.77 -15.58
N LEU A 222 15.41 16.60 -15.42
CA LEU A 222 16.48 16.46 -14.43
C LEU A 222 17.66 17.37 -14.71
N GLU A 223 17.80 17.86 -15.95
CA GLU A 223 18.85 18.80 -16.33
C GLU A 223 18.38 20.25 -16.33
N GLY A 224 17.11 20.51 -16.00
CA GLY A 224 16.57 21.85 -16.12
C GLY A 224 16.66 22.43 -17.52
N ALA A 225 16.52 21.61 -18.55
CA ALA A 225 16.74 22.06 -19.92
C ALA A 225 15.58 21.68 -20.83
N VAL A 226 14.35 21.71 -20.31
CA VAL A 226 13.18 21.51 -21.17
C VAL A 226 13.10 22.64 -22.19
N ASN A 227 12.78 22.29 -23.43
CA ASN A 227 12.75 23.30 -24.49
C ASN A 227 11.41 24.01 -24.44
N LEU A 228 11.34 25.09 -23.66
CA LEU A 228 10.09 25.82 -23.50
C LEU A 228 9.80 26.73 -24.69
N ARG A 229 10.68 26.79 -25.69
CA ARG A 229 10.34 27.50 -26.92
C ARG A 229 9.19 26.80 -27.64
N ASP A 230 9.31 25.49 -27.88
CA ASP A 230 8.15 24.70 -28.34
C ASP A 230 7.52 24.03 -27.13
N CAS A 231 6.76 24.82 -26.39
CA CAS A 231 6.33 24.47 -25.07
CB CAS A 231 5.83 25.79 -24.49
C CAS A 231 5.29 23.34 -25.09
O CAS A 231 5.36 22.40 -24.26
SG CAS A 231 5.21 25.63 -22.81
AS CAS A 231 2.99 25.78 -23.09
N GLU A 232 4.37 23.40 -26.05
CA GLU A 232 3.35 22.40 -26.21
C GLU A 232 3.94 21.02 -26.43
N SER A 233 4.90 20.91 -27.36
CA SER A 233 5.52 19.61 -27.64
C SER A 233 6.38 19.14 -26.49
N ALA A 234 7.13 20.05 -25.87
CA ALA A 234 8.06 19.65 -24.83
C ALA A 234 7.32 19.07 -23.62
N LEU A 235 6.20 19.67 -23.25
CA LEU A 235 5.50 19.16 -22.08
C LEU A 235 4.85 17.81 -22.36
N LYS A 236 4.33 17.59 -23.57
CA LYS A 236 3.80 16.26 -23.93
C LYS A 236 4.91 15.21 -23.90
N GLN A 237 6.11 15.55 -24.34
CA GLN A 237 7.20 14.59 -24.38
C GLN A 237 7.63 14.20 -22.96
N VAL A 238 7.57 15.15 -22.01
CA VAL A 238 7.82 14.81 -20.62
C VAL A 238 6.80 13.79 -20.12
N ASP A 239 5.51 14.01 -20.43
CA ASP A 239 4.49 13.02 -20.10
C ASP A 239 4.80 11.65 -20.72
N MET A 240 5.22 11.64 -22.00
CA MET A 240 5.41 10.38 -22.73
C MET A 240 6.56 9.56 -22.15
N TYR A 241 7.64 10.21 -21.71
CA TYR A 241 8.68 9.52 -20.97
C TYR A 241 8.10 8.79 -19.76
N ALA A 242 7.28 9.49 -18.97
CA ALA A 242 6.70 8.86 -17.78
C ALA A 242 5.77 7.70 -18.15
N LEU A 243 5.06 7.82 -19.28
CA LEU A 243 4.21 6.70 -19.71
C LEU A 243 5.04 5.47 -20.00
N GLY A 244 6.22 5.65 -20.60
CA GLY A 244 7.10 4.51 -20.80
C GLY A 244 7.41 3.76 -19.52
N LEU A 245 7.65 4.49 -18.42
CA LEU A 245 7.90 3.83 -17.15
C LEU A 245 6.66 3.09 -16.66
N ILE A 246 5.48 3.68 -16.85
CA ILE A 246 4.24 3.00 -16.53
C ILE A 246 4.09 1.70 -17.32
N TYR A 247 4.43 1.71 -18.62
CA TYR A 247 4.41 0.47 -19.40
C TYR A 247 5.27 -0.61 -18.75
N TRP A 248 6.49 -0.25 -18.36
CA TRP A 248 7.38 -1.21 -17.70
C TRP A 248 6.77 -1.76 -16.43
N GLU A 249 6.14 -0.90 -15.62
CA GLU A 249 5.53 -1.36 -14.37
C GLU A 249 4.38 -2.31 -14.64
N ILE A 250 3.55 -2.02 -15.66
CA ILE A 250 2.42 -2.90 -15.98
C ILE A 250 2.92 -4.28 -16.41
N PHE A 251 3.84 -4.32 -17.38
CA PHE A 251 4.16 -5.61 -17.98
C PHE A 251 5.11 -6.44 -17.14
N MET A 252 5.79 -5.83 -16.14
CA MET A 252 6.50 -6.61 -15.13
C MET A 252 5.56 -7.47 -14.28
N ARG A 253 4.25 -7.26 -14.39
CA ARG A 253 3.28 -8.06 -13.64
C ARG A 253 2.41 -8.88 -14.57
N CYS A 254 2.86 -9.14 -15.79
CA CYS A 254 2.09 -9.91 -16.77
C CYS A 254 2.49 -11.38 -16.68
N THR A 255 1.56 -12.22 -16.19
CA THR A 255 1.86 -13.64 -15.99
C THR A 255 2.40 -14.31 -17.24
N ASP A 256 1.98 -13.86 -18.44
CA ASP A 256 2.42 -14.52 -19.67
C ASP A 256 3.85 -14.14 -20.07
N LEU A 257 4.45 -13.12 -19.47
CA LEU A 257 5.82 -12.76 -19.79
C LEU A 257 6.84 -13.49 -18.90
N PHE A 258 6.38 -14.32 -17.97
CA PHE A 258 7.26 -15.11 -17.10
C PHE A 258 6.82 -16.57 -17.15
N PRO A 259 6.92 -17.21 -18.31
CA PRO A 259 6.44 -18.60 -18.43
C PRO A 259 7.22 -19.57 -17.57
N GLY A 260 6.54 -20.65 -17.18
CA GLY A 260 7.11 -21.68 -16.34
C GLY A 260 7.73 -21.14 -15.06
N GLU A 261 7.37 -19.92 -14.68
CA GLU A 261 8.00 -19.21 -13.59
C GLU A 261 6.93 -18.42 -12.86
N SER A 262 7.34 -17.78 -11.76
CA SER A 262 6.45 -16.92 -11.01
C SER A 262 6.81 -15.45 -11.24
N VAL A 263 5.79 -14.61 -11.12
CA VAL A 263 5.90 -13.20 -11.49
C VAL A 263 6.58 -12.46 -10.35
N PRO A 264 7.56 -11.60 -10.61
CA PRO A 264 8.19 -10.86 -9.52
C PRO A 264 7.17 -10.00 -8.80
N GLU A 265 7.45 -9.72 -7.53
CA GLU A 265 6.64 -8.78 -6.78
C GLU A 265 6.66 -7.43 -7.47
N TYR A 266 5.56 -6.69 -7.33
CA TYR A 266 5.49 -5.38 -7.95
C TYR A 266 6.58 -4.45 -7.39
N GLN A 267 7.25 -3.74 -8.27
CA GLN A 267 8.12 -2.66 -7.84
C GLN A 267 7.99 -1.47 -8.77
N MET A 268 8.03 -0.26 -8.21
CA MET A 268 7.99 0.94 -9.00
C MET A 268 9.22 1.01 -9.89
N ALA A 269 9.11 1.78 -10.97
CA ALA A 269 10.27 2.01 -11.80
C ALA A 269 11.43 2.52 -10.95
N PHE A 270 12.62 1.98 -11.20
CA PHE A 270 13.88 2.39 -10.57
C PHE A 270 14.02 2.03 -9.09
N GLN A 271 13.10 1.28 -8.50
CA GLN A 271 13.19 1.01 -7.07
C GLN A 271 14.40 0.17 -6.70
N THR A 272 14.74 -0.86 -7.50
CA THR A 272 15.93 -1.64 -7.15
C THR A 272 17.22 -0.85 -7.29
N GLU A 273 17.18 0.29 -7.98
CA GLU A 273 18.38 1.05 -8.25
C GLU A 273 18.55 2.26 -7.33
N VAL A 274 17.46 2.91 -6.89
CA VAL A 274 17.53 4.08 -6.04
C VAL A 274 16.70 3.96 -4.78
N GLY A 275 15.99 2.85 -4.57
CA GLY A 275 15.18 2.70 -3.37
C GLY A 275 14.00 3.65 -3.37
N ASN A 276 13.41 3.79 -2.19
CA ASN A 276 12.34 4.76 -2.00
C ASN A 276 12.88 6.16 -1.80
N HIS A 277 12.06 7.14 -2.17
CA HIS A 277 12.38 8.56 -2.02
C HIS A 277 13.78 8.90 -2.52
N PRO A 278 14.05 8.73 -3.81
CA PRO A 278 15.35 9.15 -4.33
C PRO A 278 15.45 10.66 -4.33
N THR A 279 16.69 11.14 -4.40
CA THR A 279 16.92 12.58 -4.46
C THR A 279 17.01 13.01 -5.90
N PHE A 280 16.77 14.31 -6.11
CA PHE A 280 16.87 14.86 -7.46
C PHE A 280 18.24 14.57 -8.06
N GLU A 281 19.31 14.77 -7.28
CA GLU A 281 20.67 14.51 -7.76
C GLU A 281 20.87 13.03 -8.09
N ASP A 282 20.38 12.12 -7.24
CA ASP A 282 20.41 10.70 -7.54
C ASP A 282 19.81 10.40 -8.91
N MET A 283 18.60 10.89 -9.17
CA MET A 283 17.93 10.62 -10.45
C MET A 283 18.71 11.22 -11.60
N GLN A 284 19.30 12.40 -11.40
CA GLN A 284 20.03 13.06 -12.46
C GLN A 284 21.21 12.22 -12.92
N VAL A 285 21.93 11.61 -11.98
CA VAL A 285 23.10 10.81 -12.35
C VAL A 285 22.67 9.54 -13.05
N LEU A 286 21.69 8.85 -12.48
CA LEU A 286 21.28 7.56 -13.03
C LEU A 286 20.56 7.72 -14.37
N VAL A 287 19.59 8.62 -14.44
CA VAL A 287 18.73 8.66 -15.62
C VAL A 287 19.38 9.49 -16.73
N SER A 288 19.93 10.66 -16.41
CA SER A 288 20.44 11.53 -17.45
C SER A 288 21.93 11.35 -17.68
N ARG A 289 22.75 11.39 -16.62
CA ARG A 289 24.19 11.25 -16.81
C ARG A 289 24.55 9.87 -17.34
N GLU A 290 24.09 8.82 -16.65
CA GLU A 290 24.40 7.43 -17.00
C GLU A 290 23.42 6.80 -17.99
N LYS A 291 22.39 7.53 -18.44
CA LYS A 291 21.51 7.07 -19.52
C LYS A 291 20.74 5.79 -19.15
N GLN A 292 20.48 5.55 -17.86
CA GLN A 292 19.91 4.29 -17.41
C GLN A 292 18.38 4.30 -17.45
N ARG A 293 17.81 3.12 -17.62
CA ARG A 293 16.36 2.93 -17.62
C ARG A 293 16.06 1.62 -16.90
N PRO A 294 14.82 1.40 -16.48
CA PRO A 294 14.46 0.09 -15.91
C PRO A 294 14.86 -1.04 -16.85
N LYS A 295 15.23 -2.18 -16.27
CA LYS A 295 15.83 -3.25 -17.06
C LYS A 295 14.79 -4.32 -17.43
N PHE A 296 14.87 -4.80 -18.66
CA PHE A 296 13.97 -5.88 -19.08
C PHE A 296 14.52 -7.22 -18.60
N PRO A 297 13.73 -8.04 -17.93
CA PRO A 297 14.26 -9.31 -17.40
C PRO A 297 14.79 -10.20 -18.51
N GLU A 298 15.71 -11.09 -18.11
CA GLU A 298 16.18 -12.13 -19.03
C GLU A 298 15.03 -13.00 -19.50
N ALA A 299 14.02 -13.22 -18.63
CA ALA A 299 12.85 -14.01 -18.99
C ALA A 299 12.07 -13.46 -20.18
N TRP A 300 12.39 -12.25 -20.65
CA TRP A 300 11.81 -11.76 -21.92
C TRP A 300 12.80 -12.04 -23.05
N LYS A 301 13.11 -13.34 -23.18
CA LYS A 301 13.98 -13.82 -24.24
C LYS A 301 13.39 -13.42 -25.58
N GLU A 302 14.20 -12.77 -26.41
CA GLU A 302 13.66 -12.03 -27.54
C GLU A 302 13.28 -12.91 -28.74
N ASN A 303 12.97 -14.19 -28.52
CA ASN A 303 12.53 -14.99 -29.66
C ASN A 303 11.04 -14.81 -29.94
N SER A 304 10.27 -14.33 -28.97
CA SER A 304 8.87 -13.95 -29.21
C SER A 304 8.81 -12.62 -29.96
N LEU A 305 8.04 -12.59 -31.05
CA LEU A 305 7.85 -11.35 -31.80
C LEU A 305 7.05 -10.31 -31.03
N ALA A 306 6.09 -10.76 -30.21
CA ALA A 306 5.32 -9.83 -29.40
C ALA A 306 6.19 -9.17 -28.35
N VAL A 307 7.01 -9.97 -27.66
CA VAL A 307 7.89 -9.43 -26.61
C VAL A 307 8.90 -8.45 -27.19
N ARG A 308 9.52 -8.80 -28.33
CA ARG A 308 10.47 -7.89 -28.95
C ARG A 308 9.78 -6.57 -29.31
N SER A 309 8.58 -6.66 -29.86
CA SER A 309 7.84 -5.47 -30.23
C SER A 309 7.47 -4.63 -28.99
N LEU A 310 7.05 -5.29 -27.91
CA LEU A 310 6.72 -4.56 -26.68
C LEU A 310 7.93 -3.81 -26.17
N LYS A 311 9.10 -4.46 -26.16
CA LYS A 311 10.30 -3.80 -25.64
C LYS A 311 10.63 -2.56 -26.44
N GLU A 312 10.48 -2.64 -27.76
CA GLU A 312 10.83 -1.51 -28.62
C GLU A 312 9.86 -0.36 -28.42
N THR A 313 8.59 -0.66 -28.17
CA THR A 313 7.63 0.41 -27.93
C THR A 313 7.90 1.12 -26.62
N ILE A 314 8.29 0.37 -25.57
CA ILE A 314 8.62 0.99 -24.31
C ILE A 314 9.85 1.89 -24.47
N GLU A 315 10.85 1.41 -25.21
CA GLU A 315 12.06 2.19 -25.41
C GLU A 315 11.80 3.42 -26.27
N ASP A 316 10.86 3.33 -27.22
CA ASP A 316 10.50 4.50 -28.01
C ASP A 316 9.78 5.58 -27.19
N CYS A 317 9.36 5.26 -25.96
CA CYS A 317 8.72 6.25 -25.10
C CYS A 317 9.71 6.99 -24.21
N TRP A 318 10.79 6.33 -23.76
CA TRP A 318 11.63 6.94 -22.73
C TRP A 318 13.04 7.27 -23.24
N GLY A 319 13.21 7.44 -24.55
CA GLY A 319 14.51 7.77 -25.09
C GLY A 319 15.00 9.15 -24.66
N GLN A 320 16.32 9.34 -24.81
CA GLN A 320 16.94 10.60 -24.39
C GLN A 320 16.49 11.76 -25.27
N ASP A 321 16.35 11.51 -26.58
CA ASP A 321 15.95 12.55 -27.53
C ASP A 321 14.44 12.73 -27.42
N ALA A 322 14.01 13.81 -26.76
CA ALA A 322 12.60 14.02 -26.48
C ALA A 322 11.79 14.20 -27.75
N GLU A 323 12.37 14.86 -28.76
CA GLU A 323 11.67 15.06 -30.02
C GLU A 323 11.45 13.74 -30.78
N ALA A 324 12.12 12.67 -30.38
CA ALA A 324 12.03 11.39 -31.05
C ALA A 324 11.14 10.38 -30.33
N ARG A 325 10.66 10.69 -29.13
CA ARG A 325 9.73 9.81 -28.45
C ARG A 325 8.42 9.70 -29.22
N LEU A 326 7.76 8.55 -29.09
CA LEU A 326 6.40 8.41 -29.59
C LEU A 326 5.50 9.50 -29.01
N THR A 327 4.53 9.95 -29.82
CA THR A 327 3.44 10.72 -29.26
C THR A 327 2.46 9.78 -28.56
N ALA A 328 1.56 10.37 -27.77
CA ALA A 328 0.54 9.57 -27.10
C ALA A 328 -0.37 8.90 -28.13
N GLN A 329 -0.67 9.58 -29.22
CA GLN A 329 -1.58 8.98 -30.19
C GLN A 329 -0.92 7.79 -30.88
N CAS A 330 0.39 7.87 -31.13
CA CAS A 330 1.07 6.74 -31.74
CB CAS A 330 2.45 7.08 -32.25
C CAS A 330 1.24 5.57 -30.78
O CAS A 330 1.18 4.38 -31.21
SG CAS A 330 2.41 8.17 -33.70
AS CAS A 330 4.43 9.15 -33.41
N ALA A 331 1.48 5.88 -29.51
CA ALA A 331 1.62 4.82 -28.51
C ALA A 331 0.29 4.08 -28.42
N GLU A 332 -0.83 4.80 -28.46
CA GLU A 332 -2.13 4.15 -28.37
C GLU A 332 -2.33 3.19 -29.52
N GLU A 333 -1.93 3.61 -30.72
CA GLU A 333 -2.02 2.77 -31.91
C GLU A 333 -1.04 1.60 -31.85
N ARG A 334 0.20 1.86 -31.43
CA ARG A 334 1.18 0.78 -31.25
CA ARG A 334 1.16 0.77 -31.27
C ARG A 334 0.66 -0.27 -30.27
N MET A 335 0.11 0.18 -29.14
CA MET A 335 -0.45 -0.74 -28.15
C MET A 335 -1.55 -1.60 -28.76
N ALA A 336 -2.49 -0.97 -29.49
CA ALA A 336 -3.57 -1.72 -30.13
C ALA A 336 -3.03 -2.65 -31.21
N GLU A 337 -1.96 -2.26 -31.88
CA GLU A 337 -1.39 -3.11 -32.94
C GLU A 337 -0.66 -4.30 -32.34
N LEU A 338 -0.14 -4.15 -31.12
CA LEU A 338 0.45 -5.27 -30.40
C LEU A 338 -0.60 -6.30 -30.08
N MET A 339 -1.68 -5.88 -29.43
CA MET A 339 -2.81 -6.76 -29.20
CA MET A 339 -2.81 -6.78 -29.20
C MET A 339 -3.23 -7.46 -30.50
N MET A 340 -3.26 -6.73 -31.61
CA MET A 340 -3.65 -7.37 -32.87
C MET A 340 -2.62 -8.40 -33.32
N ILE A 341 -1.34 -8.18 -32.99
CA ILE A 341 -0.30 -9.18 -33.21
C ILE A 341 -0.37 -10.16 -32.04
N TRP A 342 -1.52 -10.81 -31.92
CA TRP A 342 -1.83 -11.84 -30.95
C TRP A 342 -2.92 -12.64 -31.65
N GLU A 343 -2.48 -13.43 -32.63
CA GLU A 343 -3.33 -14.15 -33.54
C GLU A 343 -2.47 -15.16 -34.28
N SER B 31 -28.44 -15.41 10.51
CA SER B 31 -28.50 -16.74 9.90
C SER B 31 -27.81 -16.73 8.55
N LEU B 32 -26.70 -17.47 8.45
CA LEU B 32 -25.80 -17.37 7.31
C LEU B 32 -25.88 -18.60 6.41
N ASP B 33 -25.70 -18.36 5.11
CA ASP B 33 -25.18 -19.40 4.24
C ASP B 33 -24.55 -18.75 3.01
N LEU B 34 -23.52 -19.43 2.53
CA LEU B 34 -22.49 -18.86 1.70
C LEU B 34 -22.75 -18.98 0.21
N ASP B 35 -23.87 -19.58 -0.20
CA ASP B 35 -24.19 -19.53 -1.62
C ASP B 35 -24.46 -18.10 -2.08
N ASN B 36 -24.87 -17.21 -1.17
CA ASN B 36 -25.09 -15.80 -1.46
C ASN B 36 -23.92 -14.91 -1.02
N LEU B 37 -22.73 -15.46 -0.84
CA LEU B 37 -21.57 -14.64 -0.52
C LEU B 37 -21.06 -14.06 -1.82
N LYS B 38 -20.89 -12.75 -1.88
CA LYS B 38 -20.33 -12.11 -3.06
C LYS B 38 -18.98 -11.52 -2.69
N LEU B 39 -17.97 -11.82 -3.51
CA LEU B 39 -16.64 -11.22 -3.39
C LEU B 39 -16.57 -9.97 -4.27
N LEU B 40 -16.00 -8.91 -3.72
CA LEU B 40 -15.84 -7.63 -4.40
C LEU B 40 -14.34 -7.39 -4.63
N GLU B 41 -13.81 -6.21 -4.36
CA GLU B 41 -12.43 -5.96 -4.73
C GLU B 41 -11.45 -6.64 -3.76
N LEU B 42 -10.29 -7.01 -4.31
CA LEU B 42 -9.18 -7.49 -3.51
C LEU B 42 -8.62 -6.34 -2.68
N ILE B 43 -8.43 -6.55 -1.37
CA ILE B 43 -7.95 -5.51 -0.49
C ILE B 43 -6.60 -5.79 0.13
N GLY B 44 -6.07 -7.01 0.03
CA GLY B 44 -4.76 -7.31 0.56
C GLY B 44 -4.40 -8.74 0.24
N ARG B 45 -3.10 -9.03 0.36
CA ARG B 45 -2.66 -10.42 0.19
C ARG B 45 -1.30 -10.59 0.84
N GLY B 46 -0.99 -11.83 1.18
CA GLY B 46 0.31 -12.16 1.72
C GLY B 46 0.76 -13.48 1.17
N ARG B 47 1.57 -14.21 1.94
CA ARG B 47 2.10 -15.46 1.43
C ARG B 47 1.06 -16.56 1.37
N TYR B 48 -0.03 -16.45 2.12
CA TYR B 48 -0.97 -17.57 2.17
C TYR B 48 -2.35 -17.27 1.63
N GLY B 49 -2.86 -16.06 1.79
CA GLY B 49 -4.23 -15.77 1.39
C GLY B 49 -4.32 -14.51 0.57
N ALA B 50 -5.31 -14.48 -0.31
CA ALA B 50 -5.75 -13.26 -0.97
C ALA B 50 -7.03 -12.82 -0.27
N VAL B 51 -7.10 -11.57 0.14
CA VAL B 51 -8.19 -11.11 0.99
C VAL B 51 -9.09 -10.18 0.19
N TYR B 52 -10.38 -10.47 0.17
CA TYR B 52 -11.35 -9.68 -0.58
C TYR B 52 -12.31 -8.99 0.39
N LYS B 53 -12.73 -7.78 0.00
CA LYS B 53 -13.95 -7.23 0.56
C LYS B 53 -15.10 -8.04 -0.01
N GLY B 54 -16.15 -8.24 0.80
CA GLY B 54 -17.22 -9.10 0.39
C GLY B 54 -18.52 -8.66 1.02
N SER B 55 -19.58 -9.40 0.66
CA SER B 55 -20.94 -9.19 1.13
C SER B 55 -21.52 -10.55 1.50
N LEU B 56 -22.08 -10.64 2.71
CA LEU B 56 -22.72 -11.87 3.18
C LEU B 56 -23.98 -11.47 3.91
N ASP B 57 -25.13 -11.96 3.44
CA ASP B 57 -26.42 -11.56 4.02
C ASP B 57 -26.57 -10.04 3.97
N GLU B 58 -26.09 -9.43 2.90
CA GLU B 58 -26.16 -7.99 2.66
C GLU B 58 -25.34 -7.16 3.67
N ARG B 59 -24.49 -7.80 4.50
CA ARG B 59 -23.60 -7.07 5.40
C ARG B 59 -22.13 -7.22 4.97
N PRO B 60 -21.29 -6.19 5.15
CA PRO B 60 -19.91 -6.30 4.67
C PRO B 60 -19.12 -7.30 5.49
N VAL B 61 -18.22 -8.01 4.82
CA VAL B 61 -17.30 -8.97 5.42
C VAL B 61 -15.99 -8.88 4.67
N ALA B 62 -14.94 -9.48 5.24
CA ALA B 62 -13.72 -9.74 4.49
C ALA B 62 -13.59 -11.25 4.28
N VAL B 63 -13.01 -11.63 3.14
CA VAL B 63 -12.94 -13.04 2.79
C VAL B 63 -11.50 -13.33 2.41
N LYS B 64 -10.87 -14.25 3.13
CA LYS B 64 -9.50 -14.65 2.86
C LYS B 64 -9.54 -15.96 2.08
N VAL B 65 -8.96 -15.98 0.89
CA VAL B 65 -9.05 -17.09 -0.05
C VAL B 65 -7.68 -17.76 -0.16
N PHE B 66 -7.65 -19.07 0.09
CA PHE B 66 -6.44 -19.91 0.05
C PHE B 66 -6.56 -20.90 -1.11
N SER B 67 -5.44 -21.14 -1.81
CA SER B 67 -5.33 -22.24 -2.76
C SER B 67 -5.09 -23.58 -2.04
N PHE B 68 -5.17 -24.66 -2.81
CA PHE B 68 -4.88 -25.99 -2.29
C PHE B 68 -3.45 -26.08 -1.74
N ALA B 69 -2.50 -25.40 -2.38
CA ALA B 69 -1.13 -25.45 -1.91
C ALA B 69 -1.03 -24.93 -0.48
N ASN B 70 -1.89 -23.98 -0.10
CA ASN B 70 -1.86 -23.34 1.22
C ASN B 70 -3.00 -23.80 2.12
N ARG B 71 -3.60 -24.95 1.83
CA ARG B 71 -4.72 -25.46 2.63
C ARG B 71 -4.35 -25.63 4.10
N GLN B 72 -3.12 -26.05 4.39
CA GLN B 72 -2.76 -26.30 5.78
C GLN B 72 -2.82 -25.02 6.61
N ASN B 73 -2.50 -23.88 6.00
CA ASN B 73 -2.58 -22.63 6.73
C ASN B 73 -4.02 -22.22 7.01
N PHE B 74 -4.92 -22.49 6.06
CA PHE B 74 -6.35 -22.29 6.27
C PHE B 74 -6.86 -23.15 7.43
N ILE B 75 -6.56 -24.44 7.39
CA ILE B 75 -6.92 -25.34 8.48
C ILE B 75 -6.37 -24.82 9.81
N ASN B 76 -5.09 -24.44 9.86
CA ASN B 76 -4.54 -23.95 11.13
C ASN B 76 -5.24 -22.68 11.59
N GLU B 77 -5.45 -21.73 10.69
CA GLU B 77 -6.02 -20.44 11.08
C GLU B 77 -7.44 -20.61 11.58
N LYS B 78 -8.27 -21.32 10.80
CA LYS B 78 -9.63 -21.62 11.22
C LYS B 78 -9.63 -22.33 12.57
N ASN B 79 -8.72 -23.28 12.78
CA ASN B 79 -8.71 -24.01 14.03
C ASN B 79 -8.29 -23.11 15.20
N ILE B 80 -7.38 -22.15 14.98
CA ILE B 80 -7.01 -21.23 16.06
C ILE B 80 -8.16 -20.29 16.39
N TYR B 81 -8.87 -19.80 15.37
CA TYR B 81 -10.02 -18.91 15.61
C TYR B 81 -11.14 -19.59 16.37
N ARG B 82 -11.24 -20.91 16.31
CA ARG B 82 -12.31 -21.65 16.98
C ARG B 82 -11.89 -22.19 18.35
N VAL B 83 -10.67 -21.87 18.80
CA VAL B 83 -10.30 -22.15 20.19
C VAL B 83 -11.30 -21.48 21.12
N PRO B 84 -11.76 -22.16 22.17
CA PRO B 84 -12.67 -21.52 23.14
C PRO B 84 -12.15 -20.20 23.66
N LEU B 85 -13.06 -19.23 23.78
CA LEU B 85 -12.77 -17.92 24.41
C LEU B 85 -11.82 -17.05 23.57
N MET B 86 -11.77 -17.27 22.26
CA MET B 86 -10.93 -16.44 21.40
C MET B 86 -11.57 -15.10 21.05
N GLU B 87 -12.85 -14.91 21.37
CA GLU B 87 -13.49 -13.63 21.12
C GLU B 87 -12.99 -12.60 22.14
N HIS B 88 -12.54 -11.45 21.64
CA HIS B 88 -11.91 -10.43 22.48
C HIS B 88 -11.82 -9.14 21.69
N ASP B 89 -11.86 -8.00 22.39
CA ASP B 89 -11.88 -6.71 21.70
C ASP B 89 -10.67 -6.49 20.79
N ASN B 90 -9.55 -7.15 21.07
CA ASN B 90 -8.33 -6.92 20.31
C ASN B 90 -7.89 -8.17 19.54
N ILE B 91 -8.83 -9.04 19.21
CA ILE B 91 -8.60 -10.17 18.31
C ILE B 91 -9.59 -10.07 17.17
N ALA B 92 -9.10 -10.16 15.94
CA ALA B 92 -9.98 -10.05 14.77
C ALA B 92 -11.14 -11.04 14.89
N ARG B 93 -12.31 -10.62 14.44
CA ARG B 93 -13.53 -11.42 14.61
C ARG B 93 -13.73 -12.35 13.40
N PHE B 94 -13.71 -13.65 13.67
CA PHE B 94 -13.94 -14.69 12.67
C PHE B 94 -15.42 -14.99 12.62
N ILE B 95 -15.91 -15.31 11.42
CA ILE B 95 -17.32 -15.62 11.21
C ILE B 95 -17.54 -17.09 10.83
N VAL B 96 -16.95 -17.53 9.72
CA VAL B 96 -17.15 -18.89 9.22
C VAL B 96 -16.10 -19.24 8.18
N GLY B 97 -15.82 -20.53 8.03
CA GLY B 97 -14.94 -21.06 7.01
C GLY B 97 -15.71 -21.88 5.99
N ASP B 98 -15.12 -22.15 4.83
CA ASP B 98 -15.84 -22.89 3.78
C ASP B 98 -14.85 -23.27 2.69
N GLU B 99 -15.19 -24.32 1.94
CA GLU B 99 -14.47 -24.72 0.74
C GLU B 99 -15.45 -24.92 -0.40
N ARG B 100 -14.99 -24.59 -1.61
CA ARG B 100 -15.81 -24.69 -2.81
C ARG B 100 -14.89 -24.94 -3.98
N VAL B 101 -15.47 -25.39 -5.10
CA VAL B 101 -14.78 -25.54 -6.37
C VAL B 101 -15.05 -24.30 -7.20
N THR B 102 -13.99 -23.70 -7.75
CA THR B 102 -14.15 -22.51 -8.58
C THR B 102 -14.75 -22.87 -9.93
N ALA B 103 -15.21 -21.83 -10.63
CA ALA B 103 -15.80 -22.00 -11.96
C ALA B 103 -14.86 -22.76 -12.88
N ASP B 104 -13.55 -22.48 -12.80
CA ASP B 104 -12.59 -23.16 -13.66
C ASP B 104 -12.13 -24.50 -13.06
N GLY B 105 -12.84 -25.00 -12.06
CA GLY B 105 -12.61 -26.35 -11.59
C GLY B 105 -11.48 -26.52 -10.60
N ARG B 106 -11.20 -25.48 -9.78
CA ARG B 106 -10.14 -25.46 -8.77
C ARG B 106 -10.71 -25.43 -7.36
N MET B 107 -9.96 -26.04 -6.42
CA MET B 107 -10.32 -25.95 -5.01
C MET B 107 -9.93 -24.59 -4.46
N GLU B 108 -10.83 -24.02 -3.64
CA GLU B 108 -10.64 -22.79 -2.88
C GLU B 108 -11.10 -22.99 -1.44
N TYR B 109 -10.40 -22.35 -0.49
CA TYR B 109 -10.77 -22.41 0.92
C TYR B 109 -11.02 -20.98 1.38
N LEU B 110 -12.16 -20.74 2.01
CA LEU B 110 -12.61 -19.40 2.31
C LEU B 110 -12.67 -19.21 3.81
N LEU B 111 -12.05 -18.13 4.29
CA LEU B 111 -12.14 -17.74 5.69
C LEU B 111 -12.84 -16.39 5.74
N VAL B 112 -14.07 -16.36 6.22
CA VAL B 112 -14.88 -15.15 6.27
C VAL B 112 -14.69 -14.52 7.64
N MET B 113 -14.48 -13.22 7.67
CA MET B 113 -14.22 -12.53 8.93
C MET B 113 -14.76 -11.11 8.84
N GLU B 114 -14.72 -10.40 9.97
CA GLU B 114 -15.12 -9.01 9.99
C GLU B 114 -14.25 -8.19 9.03
N TYR B 115 -14.88 -7.22 8.38
CA TYR B 115 -14.19 -6.32 7.47
C TYR B 115 -13.73 -5.07 8.22
N TYR B 116 -12.43 -4.77 8.17
CA TYR B 116 -11.87 -3.58 8.83
C TYR B 116 -11.47 -2.55 7.76
N PRO B 117 -12.29 -1.52 7.51
CA PRO B 117 -11.95 -0.58 6.42
C PRO B 117 -10.59 0.10 6.56
N ASN B 118 -10.09 0.34 7.77
CA ASN B 118 -8.76 0.92 7.87
C ASN B 118 -7.64 -0.06 7.44
N GLY B 119 -7.92 -1.36 7.29
CA GLY B 119 -6.86 -2.25 6.86
C GLY B 119 -5.83 -2.52 7.98
N SER B 120 -4.63 -2.90 7.54
CA SER B 120 -3.59 -3.29 8.47
C SER B 120 -3.00 -2.06 9.19
N LEU B 121 -2.35 -2.32 10.32
CA LEU B 121 -1.63 -1.26 11.02
C LEU B 121 -0.59 -0.63 10.12
N CAS B 122 0.06 -1.46 9.32
CA CAS B 122 1.04 -1.01 8.35
CB CAS B 122 1.62 -2.25 7.65
C CAS B 122 0.41 -0.03 7.35
O CAS B 122 1.02 1.04 7.11
SG CAS B 122 2.82 -1.82 6.38
AS CAS B 122 1.59 -1.60 4.45
N LYS B 123 -0.76 -0.33 6.81
CA LYS B 123 -1.42 0.61 5.88
C LYS B 123 -1.85 1.86 6.64
N TYR B 124 -2.42 1.66 7.83
CA TYR B 124 -2.90 2.80 8.62
C TYR B 124 -1.76 3.76 8.96
N LEU B 125 -0.61 3.22 9.39
CA LEU B 125 0.51 4.09 9.73
C LEU B 125 1.06 4.80 8.50
N SER B 126 0.99 4.15 7.33
CA SER B 126 1.51 4.81 6.13
C SER B 126 0.66 6.00 5.76
N LEU B 127 -0.63 5.98 6.12
CA LEU B 127 -1.55 7.06 5.79
C LEU B 127 -1.78 8.07 6.91
N HIS B 128 -1.57 7.72 8.17
CA HIS B 128 -1.93 8.59 9.29
C HIS B 128 -0.73 8.92 10.17
N THR B 129 -0.69 10.15 10.69
CA THR B 129 0.09 10.50 11.86
C THR B 129 -0.87 10.75 13.02
N SER B 130 -0.44 10.43 14.25
CA SER B 130 -1.32 10.48 15.41
C SER B 130 -0.64 11.19 16.56
N ASP B 131 -1.45 11.78 17.43
CA ASP B 131 -0.86 12.42 18.61
C ASP B 131 -0.50 11.34 19.64
N TRP B 132 -0.03 11.80 20.80
CA TRP B 132 0.42 10.90 21.85
C TRP B 132 -0.68 9.93 22.28
N VAL B 133 -1.86 10.47 22.61
CA VAL B 133 -2.96 9.63 23.11
C VAL B 133 -3.34 8.57 22.06
N SER B 134 -3.50 8.98 20.80
CA SER B 134 -3.93 8.04 19.79
C SER B 134 -2.84 7.04 19.45
N SER B 135 -1.57 7.46 19.54
CA SER B 135 -0.50 6.49 19.32
C SER B 135 -0.48 5.48 20.45
N CYS B 136 -0.62 5.93 21.69
CA CYS B 136 -0.68 5.00 22.81
C CYS B 136 -1.89 4.09 22.69
N ARG B 137 -3.01 4.62 22.22
CA ARG B 137 -4.19 3.79 21.99
C ARG B 137 -3.88 2.65 21.00
N LEU B 138 -3.17 2.95 19.91
CA LEU B 138 -2.74 1.89 18.99
C LEU B 138 -1.83 0.90 19.69
N ALA B 139 -0.81 1.40 20.41
CA ALA B 139 0.20 0.53 21.00
C ALA B 139 -0.39 -0.29 22.15
N HIS B 140 -1.21 0.33 22.98
CA HIS B 140 -1.80 -0.38 24.11
C HIS B 140 -2.80 -1.46 23.64
N SER B 141 -3.60 -1.18 22.60
CA SER B 141 -4.60 -2.17 22.18
C SER B 141 -3.97 -3.42 21.58
N VAL B 142 -2.92 -3.27 20.77
CA VAL B 142 -2.23 -4.45 20.27
C VAL B 142 -1.56 -5.21 21.42
N THR B 143 -1.01 -4.47 22.41
CA THR B 143 -0.39 -5.13 23.55
C THR B 143 -1.42 -5.93 24.34
N ARG B 144 -2.58 -5.35 24.58
CA ARG B 144 -3.64 -6.06 25.30
C ARG B 144 -4.08 -7.31 24.54
N GLY B 145 -4.16 -7.23 23.21
CA GLY B 145 -4.52 -8.41 22.44
C GLY B 145 -3.47 -9.51 22.52
N LEU B 146 -2.20 -9.13 22.44
CA LEU B 146 -1.15 -10.15 22.53
C LEU B 146 -1.11 -10.78 23.92
N ALA B 147 -1.28 -9.96 24.96
CA ALA B 147 -1.27 -10.53 26.31
C ALA B 147 -2.41 -11.52 26.47
N TYR B 148 -3.58 -11.20 25.91
CA TYR B 148 -4.70 -12.11 26.03
C TYR B 148 -4.43 -13.41 25.25
N LEU B 149 -3.84 -13.30 24.07
CA LEU B 149 -3.46 -14.48 23.30
C LEU B 149 -2.46 -15.33 24.07
N HIS B 150 -1.47 -14.70 24.71
CA HIS B 150 -0.44 -15.43 25.43
C HIS B 150 -0.92 -16.10 26.70
N THR B 151 -2.08 -15.74 27.22
CA THR B 151 -2.45 -16.13 28.57
C THR B 151 -3.45 -17.27 28.55
N GLU B 152 -3.11 -18.37 29.21
CA GLU B 152 -4.06 -19.46 29.32
C GLU B 152 -5.18 -19.06 30.27
N LEU B 153 -6.41 -19.32 29.87
CA LEU B 153 -7.59 -18.86 30.58
C LEU B 153 -8.62 -19.97 30.76
N PRO B 154 -8.60 -20.66 31.91
CA PRO B 154 -9.71 -21.57 32.23
C PRO B 154 -10.95 -20.77 32.61
N ARG B 155 -12.08 -21.05 31.95
CA ARG B 155 -13.32 -20.35 32.29
C ARG B 155 -14.49 -21.32 32.10
N GLY B 156 -15.01 -21.83 33.22
CA GLY B 156 -16.13 -22.74 33.20
C GLY B 156 -15.73 -24.09 32.66
N ASP B 157 -16.66 -24.71 31.93
CA ASP B 157 -16.43 -25.96 31.22
C ASP B 157 -15.32 -25.85 30.18
N HIS B 158 -14.85 -24.64 29.86
CA HIS B 158 -13.97 -24.45 28.73
C HIS B 158 -12.64 -23.84 29.15
N TYR B 159 -11.64 -24.05 28.27
CA TYR B 159 -10.25 -23.70 28.51
C TYR B 159 -9.66 -23.08 27.25
N LYS B 160 -9.00 -21.95 27.41
CA LYS B 160 -8.26 -21.35 26.31
C LYS B 160 -6.78 -21.54 26.58
N PRO B 161 -6.05 -22.31 25.77
CA PRO B 161 -4.62 -22.43 25.99
C PRO B 161 -3.90 -21.14 25.67
N ALA B 162 -2.72 -21.00 26.26
CA ALA B 162 -1.78 -19.98 25.83
C ALA B 162 -1.40 -20.22 24.36
N ILE B 163 -1.31 -19.15 23.58
CA ILE B 163 -1.08 -19.28 22.14
C ILE B 163 0.04 -18.35 21.72
N SER B 164 0.98 -18.87 20.95
CA SER B 164 1.99 -18.05 20.30
C SER B 164 1.52 -17.65 18.90
N HIS B 165 1.72 -16.39 18.55
CA HIS B 165 1.27 -15.91 17.24
C HIS B 165 2.20 -16.38 16.12
N ARG B 166 3.51 -16.21 16.31
CA ARG B 166 4.64 -16.67 15.53
C ARG B 166 4.91 -15.86 14.25
N ASP B 167 4.05 -14.91 13.88
CA ASP B 167 4.41 -13.99 12.80
C ASP B 167 3.86 -12.61 13.11
N LEU B 168 4.12 -12.13 14.32
CA LEU B 168 3.58 -10.84 14.74
C LEU B 168 4.28 -9.72 13.98
N ASN B 169 3.51 -8.87 13.33
CA ASN B 169 4.03 -7.65 12.72
C ASN B 169 2.85 -6.78 12.34
N SER B 170 3.15 -5.57 11.83
CA SER B 170 2.11 -4.59 11.59
C SER B 170 1.25 -4.90 10.35
N ARG B 171 1.63 -5.88 9.54
CA ARG B 171 0.70 -6.33 8.51
C ARG B 171 -0.25 -7.39 9.03
N ASN B 172 0.01 -7.94 10.22
CA ASN B 172 -0.86 -8.91 10.85
C ASN B 172 -1.59 -8.31 12.05
N VAL B 173 -1.81 -7.00 11.99
CA VAL B 173 -2.64 -6.25 12.92
C VAL B 173 -3.57 -5.39 12.08
N LEU B 174 -4.83 -5.31 12.47
CA LEU B 174 -5.81 -4.52 11.75
C LEU B 174 -6.31 -3.42 12.67
N VAL B 175 -6.80 -2.33 12.10
CA VAL B 175 -7.17 -1.15 12.87
C VAL B 175 -8.67 -0.93 12.76
N LYS B 176 -9.35 -0.93 13.90
CA LYS B 176 -10.78 -0.68 13.93
C LYS B 176 -11.08 0.79 13.64
N ASN B 177 -12.36 1.06 13.36
CA ASN B 177 -12.79 2.42 13.08
C ASN B 177 -12.52 3.37 14.25
N ASP B 178 -12.51 2.87 15.50
CA ASP B 178 -12.29 3.70 16.67
C ASP B 178 -10.80 3.90 16.99
N GLY B 179 -9.89 3.45 16.13
CA GLY B 179 -8.47 3.68 16.40
C GLY B 179 -7.82 2.68 17.32
N THR B 180 -8.46 1.55 17.63
CA THR B 180 -7.85 0.46 18.36
C THR B 180 -7.57 -0.71 17.43
N CYS B 181 -6.65 -1.57 17.86
CA CYS B 181 -6.12 -2.65 17.04
C CYS B 181 -6.75 -4.00 17.35
N VAL B 182 -6.66 -4.90 16.37
CA VAL B 182 -6.93 -6.32 16.61
C VAL B 182 -5.81 -7.13 15.99
N ILE B 183 -5.48 -8.24 16.61
CA ILE B 183 -4.50 -9.15 16.07
C ILE B 183 -5.17 -10.10 15.09
N SER B 184 -4.47 -10.38 13.99
CA SER B 184 -5.02 -11.19 12.90
C SER B 184 -3.94 -12.12 12.35
N ASP B 185 -4.36 -12.96 11.39
CA ASP B 185 -3.51 -13.89 10.64
C ASP B 185 -2.89 -14.93 11.56
N PHE B 186 -3.70 -15.91 11.95
CA PHE B 186 -3.24 -16.99 12.82
C PHE B 186 -2.84 -18.23 12.02
N GLY B 187 -2.46 -18.03 10.76
CA GLY B 187 -2.06 -19.14 9.91
C GLY B 187 -0.86 -19.92 10.42
N LEU B 188 -0.03 -19.33 11.30
CA LEU B 188 1.11 -20.05 11.86
C LEU B 188 1.03 -20.23 13.37
N SER B 189 -0.04 -19.76 14.01
CA SER B 189 -0.09 -19.78 15.46
C SER B 189 -0.20 -21.20 16.03
N MET B 190 0.35 -21.39 17.22
CA MET B 190 0.26 -22.69 17.84
C MET B 190 -0.06 -22.57 19.32
N ARG B 191 -0.83 -23.54 19.82
CA ARG B 191 -1.07 -23.65 21.26
C ARG B 191 0.21 -24.03 21.99
N LEU B 192 0.32 -23.54 23.21
CA LEU B 192 1.50 -23.75 24.03
C LEU B 192 1.22 -24.57 25.28
N THR B 193 -0.03 -24.76 25.67
CA THR B 193 -0.36 -25.48 26.89
C THR B 193 -1.48 -26.46 26.60
N GLY B 194 -1.70 -27.38 27.53
CA GLY B 194 -2.84 -28.26 27.38
C GLY B 194 -2.56 -29.46 26.49
N ASN B 195 -3.62 -30.00 25.90
CA ASN B 195 -3.46 -31.25 25.17
C ASN B 195 -2.97 -31.02 23.74
N ARG B 196 -2.26 -32.04 23.26
CA ARG B 196 -1.71 -32.24 21.90
C ARG B 196 -1.04 -31.02 21.30
N LEU B 197 0.02 -30.59 21.96
CA LEU B 197 0.95 -29.63 21.40
C LEU B 197 1.87 -30.34 20.42
N VAL B 198 2.38 -29.58 19.43
CA VAL B 198 3.42 -30.08 18.52
C VAL B 198 4.60 -29.11 18.61
N ARG B 199 5.74 -29.53 18.07
CA ARG B 199 6.93 -28.69 18.09
C ARG B 199 7.36 -28.29 16.68
N PRO B 200 7.68 -27.00 16.46
CA PRO B 200 7.99 -26.48 15.12
C PRO B 200 9.35 -26.94 14.59
N SER B 209 10.47 -24.01 12.29
CA SER B 209 11.07 -23.24 13.37
C SER B 209 11.49 -21.83 12.91
N GLU B 210 11.71 -21.69 11.59
CA GLU B 210 12.08 -20.44 10.93
C GLU B 210 11.07 -20.21 9.82
N VAL B 211 9.88 -19.69 10.18
CA VAL B 211 8.80 -19.63 9.20
C VAL B 211 8.14 -18.25 9.14
N GLY B 212 8.46 -17.36 10.08
CA GLY B 212 7.84 -16.04 10.08
C GLY B 212 8.23 -15.11 8.93
N THR B 213 7.99 -13.81 9.11
CA THR B 213 8.47 -12.80 8.18
C THR B 213 9.86 -12.35 8.62
N ILE B 214 10.82 -12.40 7.70
CA ILE B 214 12.23 -12.36 8.07
C ILE B 214 12.60 -11.07 8.78
N ARG B 215 12.11 -9.94 8.27
CA ARG B 215 12.40 -8.63 8.83
C ARG B 215 12.20 -8.57 10.35
N TYR B 216 11.23 -9.33 10.87
CA TYR B 216 10.84 -9.24 12.27
C TYR B 216 11.34 -10.41 13.10
N MET B 217 12.24 -11.22 12.57
CA MET B 217 12.69 -12.38 13.34
C MET B 217 13.63 -11.94 14.46
N ALA B 218 13.43 -12.55 15.62
CA ALA B 218 14.28 -12.30 16.78
C ALA B 218 15.68 -12.87 16.54
N PRO B 219 16.68 -12.40 17.30
CA PRO B 219 18.04 -12.93 17.06
C PRO B 219 18.14 -14.44 17.23
N GLU B 220 17.53 -15.02 18.27
CA GLU B 220 17.64 -16.46 18.47
C GLU B 220 17.00 -17.24 17.32
N VAL B 221 16.01 -16.66 16.65
CA VAL B 221 15.42 -17.29 15.47
C VAL B 221 16.36 -17.18 14.28
N LEU B 222 17.01 -16.02 14.12
CA LEU B 222 18.00 -15.88 13.07
C LEU B 222 19.18 -16.82 13.24
N GLU B 223 19.41 -17.35 14.44
CA GLU B 223 20.47 -18.30 14.68
C GLU B 223 20.01 -19.75 14.71
N GLY B 224 18.73 -20.00 14.47
CA GLY B 224 18.22 -21.35 14.63
C GLY B 224 18.46 -21.91 16.01
N ALA B 225 18.37 -21.06 17.05
CA ALA B 225 18.73 -21.45 18.40
C ALA B 225 17.62 -21.11 19.40
N VAL B 226 16.36 -21.21 18.98
CA VAL B 226 15.25 -21.07 19.93
C VAL B 226 15.28 -22.25 20.89
N ASN B 227 15.07 -21.97 22.18
CA ASN B 227 15.10 -23.02 23.21
C ASN B 227 13.75 -23.73 23.25
N LEU B 228 13.62 -24.78 22.45
CA LEU B 228 12.35 -25.49 22.34
C LEU B 228 12.08 -26.42 23.52
N ARG B 229 13.01 -26.58 24.46
CA ARG B 229 12.69 -27.30 25.68
C ARG B 229 11.69 -26.51 26.53
N ASP B 230 11.99 -25.23 26.77
CA ASP B 230 11.07 -24.34 27.45
C ASP B 230 10.27 -23.52 26.42
N CAS B 231 9.61 -24.23 25.51
CA CAS B 231 9.11 -23.56 24.32
CB CAS B 231 8.72 -24.60 23.28
C CAS B 231 7.92 -22.62 24.59
O CAS B 231 7.75 -21.67 23.78
SG CAS B 231 7.36 -25.54 23.99
AS CAS B 231 5.76 -25.65 22.44
N GLU B 232 7.12 -22.81 25.64
CA GLU B 232 6.04 -21.86 25.90
C GLU B 232 6.59 -20.44 26.12
N SER B 233 7.61 -20.34 26.99
CA SER B 233 8.24 -19.06 27.26
C SER B 233 9.04 -18.58 26.05
N ALA B 234 9.77 -19.47 25.39
CA ALA B 234 10.62 -19.08 24.28
C ALA B 234 9.79 -18.55 23.10
N LEU B 235 8.65 -19.19 22.80
CA LEU B 235 7.84 -18.71 21.69
C LEU B 235 7.15 -17.40 22.03
N LYS B 236 6.75 -17.22 23.29
CA LYS B 236 6.25 -15.92 23.72
C LYS B 236 7.33 -14.84 23.61
N GLN B 237 8.58 -15.20 23.92
CA GLN B 237 9.65 -14.20 23.85
C GLN B 237 9.93 -13.79 22.41
N VAL B 238 9.81 -14.73 21.46
CA VAL B 238 9.93 -14.41 20.05
C VAL B 238 8.88 -13.39 19.63
N ASP B 239 7.62 -13.61 20.05
CA ASP B 239 6.56 -12.62 19.80
C ASP B 239 6.91 -11.26 20.40
N MET B 240 7.43 -11.25 21.63
CA MET B 240 7.69 -9.99 22.33
C MET B 240 8.77 -9.17 21.62
N TYR B 241 9.81 -9.81 21.08
CA TYR B 241 10.75 -9.10 20.23
C TYR B 241 10.04 -8.36 19.11
N ALA B 242 9.13 -9.04 18.41
CA ALA B 242 8.40 -8.42 17.30
C ALA B 242 7.50 -7.28 17.77
N LEU B 243 6.91 -7.40 18.97
CA LEU B 243 6.09 -6.31 19.48
C LEU B 243 6.93 -5.04 19.67
N GLY B 244 8.18 -5.19 20.11
CA GLY B 244 9.06 -4.03 20.20
C GLY B 244 9.20 -3.29 18.89
N LEU B 245 9.32 -4.04 17.77
CA LEU B 245 9.43 -3.43 16.44
C LEU B 245 8.14 -2.69 16.07
N ILE B 246 6.99 -3.29 16.39
CA ILE B 246 5.72 -2.59 16.18
C ILE B 246 5.67 -1.28 16.95
N TYR B 247 6.10 -1.30 18.23
CA TYR B 247 6.13 -0.08 19.05
C TYR B 247 6.91 1.02 18.35
N TRP B 248 8.11 0.69 17.87
CA TRP B 248 8.92 1.67 17.15
C TRP B 248 8.17 2.20 15.92
N GLU B 249 7.54 1.32 15.14
CA GLU B 249 6.84 1.76 13.94
C GLU B 249 5.69 2.69 14.28
N ILE B 250 4.94 2.39 15.34
CA ILE B 250 3.84 3.25 15.75
C ILE B 250 4.35 4.64 16.12
N PHE B 251 5.33 4.69 17.01
CA PHE B 251 5.69 5.99 17.56
C PHE B 251 6.58 6.79 16.64
N MET B 252 7.19 6.15 15.63
CA MET B 252 7.82 6.92 14.57
C MET B 252 6.84 7.78 13.80
N ARG B 253 5.54 7.60 14.01
CA ARG B 253 4.52 8.40 13.35
C ARG B 253 3.72 9.23 14.35
N CYS B 254 4.26 9.45 15.54
CA CYS B 254 3.56 10.18 16.58
C CYS B 254 3.90 11.67 16.47
N THR B 255 2.89 12.50 16.18
CA THR B 255 3.14 13.94 15.96
C THR B 255 3.80 14.60 17.16
N ASP B 256 3.48 14.17 18.38
CA ASP B 256 4.02 14.85 19.56
C ASP B 256 5.48 14.51 19.83
N LEU B 257 6.06 13.55 19.12
CA LEU B 257 7.47 13.24 19.26
C LEU B 257 8.33 14.01 18.26
N PHE B 258 7.73 14.83 17.39
CA PHE B 258 8.49 15.63 16.45
C PHE B 258 8.04 17.09 16.43
N PRO B 259 8.97 18.06 16.43
CA PRO B 259 8.55 19.47 16.30
C PRO B 259 7.98 19.81 14.92
N SER B 262 8.88 17.86 12.19
CA SER B 262 7.74 17.29 11.46
C SER B 262 7.95 15.78 11.14
N VAL B 263 6.83 15.05 11.01
CA VAL B 263 6.86 13.58 11.16
C VAL B 263 7.41 12.95 9.88
N PRO B 264 8.36 12.03 9.98
CA PRO B 264 8.85 11.32 8.78
C PRO B 264 7.79 10.41 8.18
N GLU B 265 7.95 10.14 6.88
CA GLU B 265 7.12 9.17 6.21
C GLU B 265 7.24 7.81 6.90
N TYR B 266 6.16 7.02 6.85
CA TYR B 266 6.16 5.71 7.45
C TYR B 266 7.22 4.83 6.82
N GLN B 267 7.97 4.11 7.66
CA GLN B 267 8.83 3.05 7.17
C GLN B 267 8.78 1.87 8.12
N MET B 268 8.86 0.68 7.55
CA MET B 268 8.90 -0.53 8.35
C MET B 268 10.20 -0.59 9.14
N ALA B 269 10.16 -1.33 10.24
CA ALA B 269 11.37 -1.56 10.99
C ALA B 269 12.44 -2.12 10.07
N PHE B 270 13.65 -1.58 10.17
CA PHE B 270 14.84 -1.99 9.43
C PHE B 270 14.78 -1.63 7.95
N GLN B 271 13.73 -0.96 7.47
CA GLN B 271 13.64 -0.65 6.04
C GLN B 271 14.75 0.30 5.62
N THR B 272 15.01 1.32 6.44
CA THR B 272 16.09 2.24 6.11
C THR B 272 17.45 1.57 6.18
N GLU B 273 17.54 0.38 6.77
CA GLU B 273 18.81 -0.31 6.94
C GLU B 273 18.99 -1.51 6.00
N VAL B 274 17.92 -2.22 5.62
CA VAL B 274 18.03 -3.36 4.71
C VAL B 274 17.09 -3.27 3.53
N GLY B 275 16.27 -2.24 3.42
CA GLY B 275 15.36 -2.11 2.29
C GLY B 275 14.22 -3.13 2.27
N ASN B 276 13.60 -3.21 1.11
CA ASN B 276 12.52 -4.17 0.89
C ASN B 276 13.08 -5.55 0.63
N HIS B 277 12.30 -6.57 0.98
CA HIS B 277 12.62 -7.98 0.79
C HIS B 277 14.06 -8.34 1.19
N PRO B 278 14.41 -8.18 2.48
CA PRO B 278 15.75 -8.63 2.91
C PRO B 278 15.84 -10.14 2.93
N THR B 279 17.07 -10.64 2.93
CA THR B 279 17.31 -12.07 3.00
C THR B 279 17.61 -12.48 4.44
N PHE B 280 17.39 -13.78 4.72
CA PHE B 280 17.68 -14.31 6.04
C PHE B 280 19.12 -14.03 6.43
N GLU B 281 20.06 -14.30 5.52
CA GLU B 281 21.47 -14.10 5.84
C GLU B 281 21.75 -12.63 6.15
N ASP B 282 21.23 -11.71 5.34
CA ASP B 282 21.36 -10.29 5.62
C ASP B 282 20.88 -9.95 7.02
N MET B 283 19.67 -10.40 7.38
CA MET B 283 19.10 -10.07 8.67
C MET B 283 19.93 -10.67 9.81
N GLN B 284 20.49 -11.86 9.60
CA GLN B 284 21.26 -12.50 10.67
C GLN B 284 22.45 -11.66 11.07
N VAL B 285 23.15 -11.07 10.10
CA VAL B 285 24.33 -10.28 10.44
C VAL B 285 23.92 -8.97 11.13
N LEU B 286 22.86 -8.33 10.65
CA LEU B 286 22.46 -7.04 11.21
C LEU B 286 21.94 -7.17 12.63
N VAL B 287 20.96 -8.06 12.84
CA VAL B 287 20.24 -8.11 14.10
C VAL B 287 20.98 -8.94 15.13
N SER B 288 21.55 -10.08 14.72
CA SER B 288 22.17 -11.00 15.65
C SER B 288 23.67 -10.76 15.80
N ARG B 289 24.40 -10.73 14.68
CA ARG B 289 25.85 -10.55 14.73
C ARG B 289 26.20 -9.16 15.26
N GLU B 290 25.68 -8.12 14.63
CA GLU B 290 26.01 -6.75 14.97
C GLU B 290 25.12 -6.15 16.06
N LYS B 291 24.13 -6.91 16.56
CA LYS B 291 23.34 -6.51 17.73
C LYS B 291 22.56 -5.22 17.48
N GLN B 292 22.18 -4.96 16.22
CA GLN B 292 21.55 -3.70 15.84
C GLN B 292 20.02 -3.75 15.93
N ARG B 293 19.43 -2.58 16.13
CA ARG B 293 17.99 -2.37 16.19
C ARG B 293 17.66 -1.09 15.45
N PRO B 294 16.39 -0.88 15.07
CA PRO B 294 15.99 0.42 14.54
C PRO B 294 16.41 1.50 15.52
N LYS B 295 16.85 2.63 14.97
CA LYS B 295 17.49 3.66 15.75
C LYS B 295 16.48 4.77 16.09
N PHE B 296 16.59 5.30 17.32
CA PHE B 296 15.70 6.35 17.81
C PHE B 296 16.13 7.71 17.29
N PRO B 297 15.22 8.50 16.72
CA PRO B 297 15.62 9.80 16.17
C PRO B 297 16.15 10.74 17.23
N GLU B 298 17.07 11.63 16.82
CA GLU B 298 17.54 12.67 17.71
C GLU B 298 16.41 13.60 18.13
N ALA B 299 15.44 13.82 17.24
CA ALA B 299 14.29 14.69 17.48
C ALA B 299 13.44 14.26 18.67
N TRP B 300 13.71 13.10 19.26
CA TRP B 300 13.04 12.66 20.49
C TRP B 300 13.82 13.19 21.67
N LYS B 301 13.52 14.44 22.05
CA LYS B 301 14.20 15.11 23.15
C LYS B 301 14.14 14.28 24.43
N GLU B 302 15.31 13.90 24.91
CA GLU B 302 15.41 12.90 25.96
C GLU B 302 15.29 13.48 27.35
N ASN B 303 14.78 14.71 27.48
CA ASN B 303 14.48 15.29 28.78
C ASN B 303 13.06 14.99 29.28
N SER B 304 12.14 14.60 28.38
CA SER B 304 10.81 14.19 28.80
C SER B 304 10.87 12.81 29.46
N LEU B 305 10.20 12.68 30.61
CA LEU B 305 10.08 11.37 31.25
C LEU B 305 9.29 10.40 30.37
N ALA B 306 8.34 10.93 29.59
CA ALA B 306 7.56 10.08 28.70
C ALA B 306 8.42 9.47 27.59
N VAL B 307 9.24 10.29 26.94
CA VAL B 307 10.15 9.78 25.91
C VAL B 307 11.12 8.77 26.50
N ARG B 308 11.67 9.06 27.69
CA ARG B 308 12.57 8.11 28.33
C ARG B 308 11.86 6.81 28.65
N SER B 309 10.65 6.89 29.20
CA SER B 309 9.92 5.66 29.54
C SER B 309 9.59 4.86 28.29
N LEU B 310 9.12 5.54 27.24
CA LEU B 310 8.82 4.85 25.99
C LEU B 310 10.07 4.21 25.42
N LYS B 311 11.18 4.94 25.40
CA LYS B 311 12.40 4.41 24.82
C LYS B 311 12.88 3.19 25.59
N GLU B 312 12.78 3.24 26.91
CA GLU B 312 13.25 2.12 27.71
C GLU B 312 12.34 0.91 27.57
N THR B 313 11.02 1.13 27.49
CA THR B 313 10.10 0.01 27.32
C THR B 313 10.29 -0.67 25.97
N ILE B 314 10.58 0.10 24.92
CA ILE B 314 10.82 -0.53 23.62
C ILE B 314 12.07 -1.38 23.67
N GLU B 315 13.13 -0.88 24.32
CA GLU B 315 14.38 -1.62 24.43
C GLU B 315 14.22 -2.85 25.33
N ASP B 316 13.37 -2.76 26.35
CA ASP B 316 13.12 -3.93 27.18
C ASP B 316 12.39 -5.05 26.44
N CYS B 317 11.83 -4.80 25.24
CA CYS B 317 11.17 -5.84 24.47
C CYS B 317 12.08 -6.55 23.48
N TRP B 318 13.06 -5.84 22.92
CA TRP B 318 13.82 -6.39 21.79
C TRP B 318 15.28 -6.65 22.14
N GLY B 319 15.60 -6.81 23.43
CA GLY B 319 16.96 -7.14 23.82
C GLY B 319 17.34 -8.55 23.37
N GLN B 320 18.66 -8.80 23.35
CA GLN B 320 19.16 -10.10 22.90
C GLN B 320 18.81 -11.20 23.88
N ASP B 321 18.81 -10.90 25.18
CA ASP B 321 18.52 -11.87 26.22
C ASP B 321 17.01 -12.13 26.26
N ALA B 322 16.59 -13.27 25.71
CA ALA B 322 15.16 -13.54 25.55
C ALA B 322 14.46 -13.68 26.91
N GLU B 323 15.14 -14.27 27.90
CA GLU B 323 14.56 -14.44 29.23
C GLU B 323 14.30 -13.13 29.95
N ALA B 324 14.95 -12.05 29.52
CA ALA B 324 14.81 -10.78 30.19
C ALA B 324 13.89 -9.82 29.45
N ARG B 325 13.39 -10.17 28.26
CA ARG B 325 12.43 -9.29 27.62
C ARG B 325 11.18 -9.21 28.48
N LEU B 326 10.51 -8.05 28.42
CA LEU B 326 9.20 -7.91 29.05
C LEU B 326 8.26 -9.01 28.59
N THR B 327 7.44 -9.49 29.51
CA THR B 327 6.30 -10.29 29.09
C THR B 327 5.23 -9.36 28.54
N ALA B 328 4.27 -9.96 27.82
CA ALA B 328 3.19 -9.16 27.26
C ALA B 328 2.39 -8.47 28.37
N GLN B 329 2.20 -9.15 29.50
CA GLN B 329 1.40 -8.53 30.55
C GLN B 329 2.20 -7.37 31.16
N CAS B 330 3.50 -7.58 31.40
CA CAS B 330 4.40 -6.51 31.84
CA CAS B 330 4.35 -6.49 31.89
CB CAS B 330 5.86 -6.96 31.85
CB CAS B 330 5.79 -6.98 32.09
C CAS B 330 4.31 -5.31 30.91
O CAS B 330 4.14 -4.14 31.34
SG CAS B 330 6.24 -8.25 33.08
SG CAS B 330 5.92 -7.89 33.66
AS CAS B 330 8.29 -9.06 32.63
AS CAS B 330 4.83 -6.72 35.25
N ALA B 331 4.44 -5.59 29.62
CA ALA B 331 4.39 -4.57 28.57
C ALA B 331 3.10 -3.76 28.65
N GLU B 332 1.97 -4.44 28.90
CA GLU B 332 0.71 -3.72 28.98
C GLU B 332 0.69 -2.72 30.13
N GLU B 333 1.31 -3.07 31.27
CA GLU B 333 1.43 -2.10 32.35
C GLU B 333 2.33 -0.94 31.97
N ARG B 334 3.39 -1.20 31.19
CA ARG B 334 4.23 -0.11 30.69
C ARG B 334 3.44 0.83 29.80
N MET B 335 2.58 0.28 28.93
CA MET B 335 1.75 1.12 28.07
C MET B 335 0.83 2.00 28.90
N ALA B 336 0.22 1.41 29.94
CA ALA B 336 -0.70 2.19 30.77
C ALA B 336 0.03 3.31 31.48
N GLU B 337 1.31 3.08 31.81
CA GLU B 337 2.06 4.08 32.52
C GLU B 337 2.56 5.21 31.61
N LEU B 338 2.70 4.96 30.31
CA LEU B 338 2.95 6.05 29.39
C LEU B 338 1.78 7.04 29.35
N MET B 339 0.59 6.60 29.75
CA MET B 339 -0.58 7.46 29.80
C MET B 339 -0.71 8.16 31.15
N MET B 340 -0.38 7.46 32.24
CA MET B 340 -0.39 8.09 33.56
C MET B 340 0.56 9.29 33.61
N ILE B 341 1.61 9.28 32.79
CA ILE B 341 2.52 10.41 32.70
C ILE B 341 1.92 11.57 31.92
N TRP B 342 0.96 11.31 31.04
CA TRP B 342 0.29 12.37 30.30
C TRP B 342 -0.66 13.08 31.27
N GLU B 343 -0.10 14.02 32.03
CA GLU B 343 -0.81 14.69 33.13
C GLU B 343 -0.08 15.97 33.52
PB ADP C . -2.29 14.15 -4.57
O1B ADP C . -2.06 14.66 -3.17
O2B ADP C . -1.23 13.22 -5.08
O3B ADP C . -2.59 15.28 -5.53
PA ADP C . -4.27 12.23 -5.56
O1A ADP C . -3.14 11.72 -6.42
O2A ADP C . -5.53 12.80 -6.14
O3A ADP C . -3.61 13.22 -4.44
O5' ADP C . -4.77 11.02 -4.62
C5' ADP C . -3.80 10.32 -3.81
C4' ADP C . -4.14 8.85 -3.72
O4' ADP C . -5.50 8.62 -3.30
C3' ADP C . -4.03 8.18 -5.08
O3' ADP C . -2.70 7.73 -5.39
C2' ADP C . -4.96 7.00 -4.91
O2' ADP C . -4.31 5.97 -4.15
C1' ADP C . -6.06 7.53 -4.01
N9 ADP C . -7.23 8.03 -4.77
C8 ADP C . -7.30 9.25 -5.32
N7 ADP C . -8.51 9.44 -5.90
C5 ADP C . -9.21 8.32 -5.74
C6 ADP C . -10.57 7.86 -6.12
N6 ADP C . -11.43 8.65 -6.80
N1 ADP C . -10.92 6.61 -5.74
C2 ADP C . -10.09 5.80 -5.05
N3 ADP C . -8.85 6.18 -4.68
C4 ADP C . -8.37 7.40 -4.99
PB ADP D . -1.57 35.47 -24.53
O1B ADP D . -1.77 36.04 -23.14
O2B ADP D . -0.22 35.82 -25.15
O3B ADP D . -1.95 34.01 -24.67
PA ADP D . -4.16 35.90 -25.79
O1A ADP D . -4.93 35.70 -24.51
O2A ADP D . -4.66 36.91 -26.80
O3A ADP D . -2.61 36.28 -25.48
O5' ADP D . -3.99 34.52 -26.61
C5' ADP D . -4.04 34.51 -28.04
C4' ADP D . -3.81 33.12 -28.62
O4' ADP D . -5.05 32.43 -28.77
C3' ADP D . -3.13 33.11 -30.00
O3' ADP D . -1.78 32.62 -29.93
C2' ADP D . -3.97 32.17 -30.87
O2' ADP D . -3.16 31.13 -31.42
C1' ADP D . -5.00 31.57 -29.92
N9 ADP D . -6.32 31.41 -30.58
C8 ADP D . -6.66 31.82 -31.82
N7 ADP D . -7.96 31.49 -32.10
C5 ADP D . -8.46 30.85 -31.01
C6 ADP D . -9.76 30.22 -30.62
N6 ADP D . -10.83 30.21 -31.46
N1 ADP D . -9.84 29.65 -29.38
C2 ADP D . -8.80 29.65 -28.53
N3 ADP D . -7.61 30.20 -28.82
C4 ADP D . -7.37 30.80 -30.02
MG MG E . -1.16 12.25 -6.88
MG MG F . 0.15 -5.37 -26.15
MG MG G . -6.49 25.62 -16.20
MG MG H . 13.20 9.12 -14.41
MG MG I . 0.22 7.24 -35.56
MG MG J . -2.25 26.97 -3.04
MG MG K . 1.54 13.76 -4.52
S SO4 L . 8.75 7.91 -4.01
O1 SO4 L . 9.84 7.09 -3.49
O2 SO4 L . 8.94 9.32 -3.69
O3 SO4 L . 8.70 7.75 -5.48
O4 SO4 L . 7.52 7.43 -3.37
S SO4 M . 3.00 10.81 -4.05
O1 SO4 M . 2.94 12.18 -4.53
O2 SO4 M . 3.67 10.79 -2.75
O3 SO4 M . 3.74 10.01 -5.01
O4 SO4 M . 1.64 10.28 -3.91
S SO4 N . -6.33 36.35 -17.55
O1 SO4 N . -5.46 37.50 -17.30
O2 SO4 N . -6.13 35.27 -16.55
O3 SO4 N . -6.06 35.83 -18.89
O4 SO4 N . -7.72 36.80 -17.45
C1 EDO O . -20.22 0.75 1.45
O1 EDO O . -19.39 0.51 0.33
C2 EDO O . -20.67 -0.61 1.93
O2 EDO O . -19.54 -1.47 1.77
PB ADP P . -1.51 -13.77 4.81
O1B ADP P . -0.41 -12.84 5.21
O2B ADP P . -1.68 -14.92 5.81
O3B ADP P . -1.39 -14.22 3.38
PA ADP P . -3.42 -11.95 5.96
O1A ADP P . -2.23 -11.36 6.70
O2A ADP P . -4.51 -12.67 6.69
O3A ADP P . -2.89 -12.95 4.81
O5' ADP P . -4.05 -10.75 5.07
C5' ADP P . -3.17 -10.08 4.16
C4' ADP P . -3.48 -8.59 4.16
O4' ADP P . -4.87 -8.40 3.86
C3' ADP P . -3.29 -7.91 5.51
O3' ADP P . -1.96 -7.41 5.69
C2' ADP P . -4.26 -6.75 5.44
O2' ADP P . -3.71 -5.66 4.70
C1' ADP P . -5.41 -7.29 4.62
N9 ADP P . -6.49 -7.82 5.49
C8 ADP P . -6.45 -9.04 6.05
N7 ADP P . -7.58 -9.27 6.78
C5 ADP P . -8.37 -8.19 6.68
C6 ADP P . -9.67 -7.85 7.23
N6 ADP P . -10.35 -8.72 8.01
N1 ADP P . -10.15 -6.63 6.90
C2 ADP P . -9.45 -5.78 6.11
N3 ADP P . -8.24 -6.03 5.58
C4 ADP P . -7.65 -7.23 5.83
MG MG Q . -0.42 -11.93 7.15
MG MG R . -17.59 -6.66 8.73
MG MG S . -11.52 -26.35 13.06
MG MG T . -6.92 -13.61 10.14
MG MG U . -9.02 6.67 13.83
MG MG V . -0.39 7.15 13.24
MG MG W . 4.15 -12.56 27.15
MG MG X . 1.31 6.65 15.66
MG MG Y . 0.83 -20.57 30.74
MG MG Z . 1.71 -14.43 29.30
MG MG AA . -10.58 -1.53 1.79
S SO4 BA . -4.32 12.29 9.80
O1 SO4 BA . -2.96 11.73 9.87
O2 SO4 BA . -4.35 13.63 10.40
O3 SO4 BA . -4.76 12.39 8.41
O4 SO4 BA . -5.23 11.42 10.56
S SO4 CA . 9.22 -7.49 3.41
O1 SO4 CA . 10.25 -6.66 2.77
O2 SO4 CA . 9.54 -7.65 4.83
O3 SO4 CA . 7.94 -6.82 3.26
O4 SO4 CA . 9.18 -8.79 2.74
C1 EDO DA . -2.33 -15.77 -2.19
O1 EDO DA . -1.81 -14.49 -1.88
C2 EDO DA . -1.19 -16.76 -1.99
O2 EDO DA . -0.02 -16.20 -2.59
C1 EDO EA . 4.42 -10.94 4.27
O1 EDO EA . 3.14 -10.40 3.94
C2 EDO EA . 5.07 -11.41 2.97
O2 EDO EA . 5.61 -10.28 2.29
#